data_4UBW
#
_entry.id   4UBW
#
_cell.length_a   128.250
_cell.length_b   128.250
_cell.length_c   114.010
_cell.angle_alpha   90.00
_cell.angle_beta   90.00
_cell.angle_gamma   90.00
#
_symmetry.space_group_name_H-M   'P 41 21 2'
#
loop_
_entity.id
_entity.type
_entity.pdbx_description
1 polymer 'Acetyl-CoA acetyltransferase FadA5'
2 non-polymer GLYCEROL
3 non-polymer 'DIMETHYL SULFOXIDE'
4 non-polymer 'SODIUM ION'
5 non-polymer 'CHLORIDE ION'
6 water water
#
_entity_poly.entity_id   1
_entity_poly.type   'polypeptide(L)'
_entity_poly.pdbx_seq_one_letter_code
;HHHHHHGSMGYPVIVEATRSPIGKRNGWLSGLHATELLGAVQKAVVDKAGIQSGLHAGDVEQVIGGCVTQFGEQSNNISR
VAWLTAGLPEHVGATTVDCQCGSGQQANHLIAGLIAAGAIDVGIACGIEAMSRVGLGANAGPDRSLIRAQSWDIDLPNQF
EAAERIAKRRGITREDVDVFGLESQRRAQRAWAEGRFDREISPIQAPVLDEQNQPTGERRLVFRDQGLRETTMAGLGELK
PVLEGGIHTAGTSSQISDGAAAVLWMDEAVARAHGLTPRARIVAQALVGAEPYYHLDGPVQSTAKVLEKAGMKIGDIDIV
EINEAFASVVLSWARVHEPDMDRVNVNGGAIALGHPVGCTGSRLITTALHELERTDQSLALITMCAGGALSTGTIIERI
;
_entity_poly.pdbx_strand_id   A,B
#
loop_
_chem_comp.id
_chem_comp.type
_chem_comp.name
_chem_comp.formula
CL non-polymer 'CHLORIDE ION' 'Cl -1'
DMS non-polymer 'DIMETHYL SULFOXIDE' 'C2 H6 O S'
GOL non-polymer GLYCEROL 'C3 H8 O3'
NA non-polymer 'SODIUM ION' 'Na 1'
#
# COMPACT_ATOMS: atom_id res chain seq x y z
N MET A 9 -6.51 -20.15 -9.24
CA MET A 9 -7.97 -19.93 -9.31
C MET A 9 -8.33 -18.85 -10.35
N GLY A 10 -8.03 -17.58 -10.05
CA GLY A 10 -8.56 -16.46 -10.87
C GLY A 10 -7.81 -15.96 -12.09
N TYR A 11 -8.53 -15.41 -13.09
CA TYR A 11 -7.88 -14.66 -14.17
CA TYR A 11 -7.96 -14.75 -14.27
C TYR A 11 -8.37 -13.25 -14.36
N PRO A 12 -7.53 -12.30 -13.87
CA PRO A 12 -7.92 -10.87 -13.86
C PRO A 12 -8.06 -10.28 -15.24
N VAL A 13 -9.12 -9.51 -15.41
CA VAL A 13 -9.33 -8.71 -16.62
C VAL A 13 -9.88 -7.34 -16.21
N ILE A 14 -9.58 -6.35 -17.02
CA ILE A 14 -10.18 -5.02 -16.85
C ILE A 14 -11.59 -5.06 -17.42
N VAL A 15 -12.58 -4.61 -16.68
CA VAL A 15 -13.88 -4.51 -17.29
C VAL A 15 -14.27 -3.06 -17.54
N GLU A 16 -13.62 -2.14 -16.83
CA GLU A 16 -13.90 -0.73 -17.04
C GLU A 16 -12.74 0.12 -16.51
N ALA A 17 -12.56 1.30 -17.07
CA ALA A 17 -11.53 2.24 -16.61
C ALA A 17 -11.99 3.68 -16.81
N THR A 18 -11.74 4.56 -15.85
CA THR A 18 -12.15 5.96 -16.03
C THR A 18 -11.28 6.91 -15.25
N ARG A 19 -11.23 8.16 -15.70
CA ARG A 19 -10.50 9.18 -14.93
C ARG A 19 -11.23 10.51 -14.82
N SER A 20 -10.99 11.23 -13.74
CA SER A 20 -11.24 12.64 -13.71
C SER A 20 -10.39 13.21 -14.83
N PRO A 21 -10.83 14.35 -15.38
CA PRO A 21 -9.95 15.30 -16.06
C PRO A 21 -8.88 15.78 -15.08
N ILE A 22 -7.74 16.15 -15.61
CA ILE A 22 -6.64 16.54 -14.76
C ILE A 22 -6.67 18.03 -14.68
N GLY A 23 -6.86 18.52 -13.45
CA GLY A 23 -6.92 19.94 -13.20
C GLY A 23 -5.55 20.42 -12.83
N LYS A 24 -5.27 21.69 -13.10
CA LYS A 24 -4.04 22.36 -12.67
C LYS A 24 -3.96 22.66 -11.16
N ARG A 25 -2.75 23.05 -10.75
CA ARG A 25 -2.54 23.44 -9.35
C ARG A 25 -3.42 24.66 -9.07
N ASN A 26 -4.28 24.57 -8.07
CA ASN A 26 -5.21 25.66 -7.74
C ASN A 26 -6.22 25.91 -8.85
N GLY A 27 -6.34 24.97 -9.77
CA GLY A 27 -7.23 25.12 -10.92
C GLY A 27 -8.63 24.59 -10.69
N TRP A 28 -9.28 24.22 -11.79
CA TRP A 28 -10.65 23.74 -11.78
C TRP A 28 -11.04 22.78 -10.62
N LEU A 29 -10.11 22.00 -10.10
CA LEU A 29 -10.45 20.98 -9.10
C LEU A 29 -10.00 21.27 -7.66
N SER A 30 -9.25 22.36 -7.46
CA SER A 30 -8.72 22.70 -6.14
C SER A 30 -9.81 22.88 -5.12
N GLY A 31 -11.04 23.00 -5.59
CA GLY A 31 -12.18 23.08 -4.67
C GLY A 31 -12.72 21.80 -4.07
N LEU A 32 -12.18 20.65 -4.46
CA LEU A 32 -12.65 19.36 -3.89
C LEU A 32 -11.75 18.87 -2.80
N HIS A 33 -12.31 18.30 -1.74
CA HIS A 33 -11.49 17.65 -0.74
C HIS A 33 -10.95 16.43 -1.51
N ALA A 34 -9.67 16.08 -1.32
CA ALA A 34 -9.07 14.94 -2.01
C ALA A 34 -9.91 13.67 -1.88
N THR A 35 -10.63 13.55 -0.78
CA THR A 35 -11.36 12.33 -0.57
C THR A 35 -12.55 12.31 -1.51
N GLU A 36 -13.07 13.48 -1.85
CA GLU A 36 -14.21 13.59 -2.74
C GLU A 36 -13.77 13.31 -4.14
N LEU A 37 -12.68 13.94 -4.54
CA LEU A 37 -12.10 13.73 -5.84
C LEU A 37 -11.99 12.25 -6.09
N LEU A 38 -11.43 11.51 -5.12
CA LEU A 38 -11.17 10.12 -5.38
C LEU A 38 -12.48 9.36 -5.41
N GLY A 39 -13.28 9.61 -4.38
CA GLY A 39 -14.54 8.92 -4.21
C GLY A 39 -15.40 9.07 -5.43
N ALA A 40 -15.26 10.22 -6.08
CA ALA A 40 -16.15 10.58 -7.19
C ALA A 40 -15.89 9.69 -8.38
N VAL A 41 -14.64 9.21 -8.46
CA VAL A 41 -14.13 8.50 -9.60
C VAL A 41 -14.30 7.03 -9.30
N GLN A 42 -14.20 6.70 -8.01
CA GLN A 42 -14.52 5.37 -7.55
C GLN A 42 -15.97 5.06 -7.97
N LYS A 43 -16.89 5.93 -7.59
CA LYS A 43 -18.30 5.71 -7.97
C LYS A 43 -18.49 5.78 -9.48
N ALA A 44 -17.73 6.66 -10.14
CA ALA A 44 -17.85 6.79 -11.58
C ALA A 44 -17.42 5.50 -12.28
N VAL A 45 -16.36 4.86 -11.85
CA VAL A 45 -16.02 3.63 -12.58
C VAL A 45 -17.05 2.52 -12.34
N VAL A 46 -17.62 2.45 -11.14
CA VAL A 46 -18.66 1.48 -10.86
C VAL A 46 -19.92 1.83 -11.66
N ASP A 47 -20.27 3.12 -11.75
CA ASP A 47 -21.44 3.48 -12.55
C ASP A 47 -21.29 3.16 -14.04
N LYS A 48 -20.27 3.67 -14.70
CA LYS A 48 -19.92 3.25 -16.04
C LYS A 48 -20.09 1.72 -16.17
N ALA A 49 -19.55 0.97 -15.21
CA ALA A 49 -19.48 -0.47 -15.34
C ALA A 49 -20.86 -1.10 -15.25
N GLY A 50 -21.70 -0.47 -14.44
CA GLY A 50 -22.98 -1.03 -14.05
C GLY A 50 -24.03 -1.00 -15.15
N ILE A 51 -23.68 -0.48 -16.32
CA ILE A 51 -24.66 -0.27 -17.36
C ILE A 51 -25.02 -1.56 -18.08
N GLN A 52 -24.04 -2.21 -18.68
CA GLN A 52 -24.30 -3.42 -19.49
C GLN A 52 -25.20 -4.47 -18.79
N SER A 53 -24.89 -4.70 -17.53
CA SER A 53 -25.56 -5.65 -16.66
CA SER A 53 -25.64 -5.60 -16.68
C SER A 53 -25.64 -4.99 -15.28
N GLY A 54 -26.36 -5.59 -14.35
CA GLY A 54 -26.55 -4.93 -13.07
C GLY A 54 -25.45 -4.69 -12.05
N LEU A 55 -24.20 -4.46 -12.44
CA LEU A 55 -23.14 -4.33 -11.40
C LEU A 55 -23.34 -3.14 -10.44
N HIS A 56 -23.26 -3.41 -9.15
N HIS A 56 -23.23 -3.45 -9.14
CA HIS A 56 -23.40 -2.34 -8.19
CA HIS A 56 -23.47 -2.53 -8.01
C HIS A 56 -22.18 -2.36 -7.29
C HIS A 56 -22.13 -2.36 -7.32
N ALA A 57 -21.93 -1.22 -6.67
CA ALA A 57 -20.68 -0.92 -5.94
C ALA A 57 -20.40 -1.86 -4.78
N GLY A 58 -21.42 -2.59 -4.36
CA GLY A 58 -21.29 -3.53 -3.25
C GLY A 58 -20.86 -4.88 -3.78
N ASP A 59 -20.73 -5.01 -5.11
CA ASP A 59 -20.19 -6.22 -5.71
C ASP A 59 -18.71 -6.14 -5.57
N VAL A 60 -18.18 -4.93 -5.47
CA VAL A 60 -16.76 -4.78 -5.28
C VAL A 60 -16.27 -5.34 -3.93
N GLU A 61 -15.14 -6.03 -3.95
CA GLU A 61 -14.66 -6.71 -2.74
C GLU A 61 -13.55 -5.95 -1.99
N GLN A 62 -12.62 -5.37 -2.75
CA GLN A 62 -11.49 -4.62 -2.22
C GLN A 62 -11.11 -3.50 -3.15
N VAL A 63 -10.56 -2.45 -2.58
CA VAL A 63 -10.11 -1.30 -3.33
C VAL A 63 -8.67 -1.00 -2.94
N ILE A 64 -7.83 -0.75 -3.94
CA ILE A 64 -6.42 -0.44 -3.67
C ILE A 64 -6.04 0.75 -4.47
N GLY A 65 -5.60 1.78 -3.75
CA GLY A 65 -5.43 3.10 -4.34
C GLY A 65 -4.03 3.63 -4.08
N GLY A 66 -3.35 4.03 -5.15
CA GLY A 66 -2.10 4.74 -5.02
C GLY A 66 -2.26 6.18 -4.57
N CYS A 67 -1.46 6.59 -3.61
CA CYS A 67 -1.37 7.98 -3.23
C CYS A 67 0.05 8.25 -2.66
N VAL A 68 0.76 9.25 -3.17
CA VAL A 68 2.10 9.57 -2.62
C VAL A 68 2.14 10.32 -1.24
N THR A 69 1.69 11.57 -1.16
CA THR A 69 1.90 12.31 0.08
C THR A 69 0.77 12.01 1.06
N GLN A 70 0.94 10.97 1.85
CA GLN A 70 -0.15 10.52 2.68
C GLN A 70 -0.18 11.29 3.98
N PHE A 71 -0.45 12.59 3.83
CA PHE A 71 -0.61 13.55 4.92
C PHE A 71 -2.00 14.17 4.90
N GLY A 72 -2.53 14.50 6.07
CA GLY A 72 -3.83 15.17 6.19
C GLY A 72 -4.98 14.56 5.41
N GLU A 73 -5.60 15.36 4.55
CA GLU A 73 -6.66 14.91 3.65
C GLU A 73 -6.33 13.57 2.98
N GLN A 74 -5.05 13.30 2.84
CA GLN A 74 -4.63 12.13 2.15
C GLN A 74 -4.03 11.13 3.13
N SER A 75 -4.21 11.39 4.42
CA SER A 75 -3.76 10.39 5.39
C SER A 75 -4.88 9.41 5.74
N ASN A 76 -4.56 8.42 6.57
CA ASN A 76 -5.55 7.51 7.10
C ASN A 76 -6.29 6.64 6.07
N ASN A 77 -5.53 6.02 5.15
CA ASN A 77 -6.10 5.13 4.16
C ASN A 77 -7.18 5.87 3.33
N ILE A 78 -6.76 6.85 2.55
CA ILE A 78 -7.69 7.60 1.72
C ILE A 78 -8.60 6.71 0.84
N SER A 79 -8.13 5.53 0.44
CA SER A 79 -8.91 4.71 -0.44
C SER A 79 -10.16 4.30 0.32
N ARG A 80 -10.00 4.06 1.61
CA ARG A 80 -11.14 3.79 2.43
C ARG A 80 -12.01 5.03 2.68
N VAL A 81 -11.39 6.18 2.87
CA VAL A 81 -12.13 7.35 3.28
C VAL A 81 -12.94 7.94 2.13
N ALA A 82 -12.42 7.79 0.92
CA ALA A 82 -13.10 8.26 -0.27
C ALA A 82 -14.36 7.40 -0.49
N TRP A 83 -14.16 6.08 -0.50
CA TRP A 83 -15.22 5.14 -0.65
C TRP A 83 -16.38 5.55 0.23
N LEU A 84 -16.11 5.77 1.51
CA LEU A 84 -17.15 6.12 2.44
C LEU A 84 -17.70 7.53 2.20
N THR A 85 -16.80 8.51 1.95
CA THR A 85 -17.19 9.88 1.64
C THR A 85 -18.20 9.81 0.52
N ALA A 86 -17.89 9.05 -0.53
CA ALA A 86 -18.80 8.90 -1.67
C ALA A 86 -20.08 8.10 -1.34
N GLY A 87 -20.25 7.68 -0.09
CA GLY A 87 -21.49 7.01 0.28
C GLY A 87 -21.65 5.62 -0.30
N LEU A 88 -20.54 5.02 -0.73
CA LEU A 88 -20.49 3.64 -1.21
C LEU A 88 -20.46 2.63 -0.06
N PRO A 89 -20.75 1.34 -0.36
CA PRO A 89 -20.96 0.30 0.66
C PRO A 89 -19.76 0.01 1.54
N GLU A 90 -19.97 0.23 2.82
CA GLU A 90 -18.95 0.13 3.85
C GLU A 90 -18.39 -1.27 4.11
N HIS A 91 -18.98 -2.31 3.52
CA HIS A 91 -18.40 -3.64 3.73
C HIS A 91 -17.18 -3.84 2.89
N VAL A 92 -17.00 -3.00 1.86
CA VAL A 92 -15.92 -3.21 0.91
C VAL A 92 -14.57 -2.89 1.51
N GLY A 93 -13.65 -3.84 1.50
CA GLY A 93 -12.29 -3.54 1.96
C GLY A 93 -11.50 -2.54 1.07
N ALA A 94 -10.54 -1.82 1.67
CA ALA A 94 -9.76 -0.78 1.02
C ALA A 94 -8.35 -0.63 1.63
N THR A 95 -7.35 -0.53 0.76
CA THR A 95 -5.98 -0.30 1.15
C THR A 95 -5.41 0.80 0.30
N THR A 96 -4.60 1.64 0.89
CA THR A 96 -3.90 2.65 0.11
C THR A 96 -2.43 2.24 -0.02
N VAL A 97 -1.75 2.52 -1.13
CA VAL A 97 -0.34 2.16 -1.25
C VAL A 97 0.62 3.26 -1.71
N ASP A 98 1.88 3.14 -1.29
CA ASP A 98 2.88 4.12 -1.64
C ASP A 98 4.15 3.49 -2.16
N CYS A 99 4.45 3.74 -3.43
CA CYS A 99 5.79 3.52 -3.99
C CYS A 99 6.03 4.70 -4.91
N GLN A 100 5.98 5.87 -4.31
CA GLN A 100 5.98 7.15 -5.04
C GLN A 100 5.23 7.15 -6.36
N CYS A 101 5.93 7.63 -7.38
CA CYS A 101 5.28 8.00 -8.61
C CYS A 101 4.60 6.83 -9.31
N GLY A 102 4.94 5.59 -8.94
CA GLY A 102 4.33 4.42 -9.55
C GLY A 102 3.12 3.90 -8.81
N SER A 103 2.75 4.57 -7.71
CA SER A 103 1.75 4.00 -6.79
C SER A 103 0.49 3.65 -7.55
N GLY A 104 0.11 4.55 -8.48
CA GLY A 104 -1.13 4.38 -9.22
C GLY A 104 -1.10 3.11 -10.06
N GLN A 105 0.07 2.77 -10.59
CA GLN A 105 0.25 1.62 -11.47
C GLN A 105 0.32 0.34 -10.61
N GLN A 106 1.24 0.37 -9.65
CA GLN A 106 1.32 -0.67 -8.66
C GLN A 106 -0.08 -1.07 -8.16
N ALA A 107 -0.98 -0.12 -7.97
CA ALA A 107 -2.33 -0.48 -7.45
C ALA A 107 -3.01 -1.51 -8.34
N ASN A 108 -2.83 -1.38 -9.66
CA ASN A 108 -3.38 -2.36 -10.61
C ASN A 108 -2.71 -3.71 -10.52
N HIS A 109 -1.39 -3.70 -10.39
CA HIS A 109 -0.62 -4.93 -10.19
C HIS A 109 -1.14 -5.73 -9.02
N LEU A 110 -1.33 -5.03 -7.91
CA LEU A 110 -1.83 -5.63 -6.67
C LEU A 110 -3.23 -6.16 -6.78
N ILE A 111 -4.17 -5.38 -7.29
CA ILE A 111 -5.53 -5.88 -7.49
C ILE A 111 -5.53 -7.15 -8.39
N ALA A 112 -4.79 -7.14 -9.52
CA ALA A 112 -4.64 -8.34 -10.34
C ALA A 112 -4.19 -9.53 -9.46
N GLY A 113 -3.17 -9.30 -8.65
CA GLY A 113 -2.66 -10.31 -7.77
C GLY A 113 -3.78 -10.95 -7.02
N LEU A 114 -4.56 -10.14 -6.30
CA LEU A 114 -5.67 -10.63 -5.45
C LEU A 114 -6.70 -11.53 -6.21
N ILE A 115 -7.05 -11.13 -7.43
CA ILE A 115 -7.90 -11.94 -8.27
C ILE A 115 -7.23 -13.24 -8.60
N ALA A 116 -5.97 -13.17 -9.05
CA ALA A 116 -5.21 -14.37 -9.41
C ALA A 116 -5.19 -15.31 -8.19
N ALA A 117 -5.07 -14.77 -6.99
CA ALA A 117 -4.97 -15.67 -5.85
C ALA A 117 -6.32 -16.28 -5.52
N GLY A 118 -7.35 -15.92 -6.30
CA GLY A 118 -8.72 -16.30 -5.94
C GLY A 118 -9.19 -15.66 -4.64
N ALA A 119 -8.53 -14.58 -4.23
CA ALA A 119 -8.91 -13.93 -2.99
C ALA A 119 -10.14 -13.08 -3.19
N ILE A 120 -10.20 -12.38 -4.35
CA ILE A 120 -11.42 -11.66 -4.74
C ILE A 120 -11.80 -11.90 -6.19
N ASP A 121 -13.03 -11.55 -6.55
CA ASP A 121 -13.50 -11.67 -7.93
C ASP A 121 -13.64 -10.32 -8.59
N VAL A 122 -13.85 -9.29 -7.77
CA VAL A 122 -14.14 -7.93 -8.21
C VAL A 122 -13.30 -6.94 -7.39
N GLY A 123 -12.45 -6.18 -8.06
CA GLY A 123 -11.72 -5.17 -7.32
C GLY A 123 -11.56 -3.91 -8.10
N ILE A 124 -11.33 -2.78 -7.41
CA ILE A 124 -10.98 -1.51 -8.05
C ILE A 124 -9.57 -1.10 -7.64
N ALA A 125 -8.71 -0.94 -8.63
CA ALA A 125 -7.45 -0.21 -8.41
C ALA A 125 -7.73 1.23 -8.77
N CYS A 126 -7.07 2.16 -8.07
CA CYS A 126 -7.18 3.57 -8.35
C CYS A 126 -5.96 4.34 -7.89
N GLY A 127 -5.95 5.65 -8.10
CA GLY A 127 -4.86 6.45 -7.58
C GLY A 127 -5.38 7.85 -7.43
N ILE A 128 -4.73 8.66 -6.61
CA ILE A 128 -5.23 10.01 -6.35
C ILE A 128 -4.09 10.94 -6.06
N GLU A 129 -4.23 12.20 -6.46
CA GLU A 129 -3.33 13.21 -5.95
C GLU A 129 -3.97 14.57 -6.12
N ALA A 130 -4.34 15.13 -4.98
CA ALA A 130 -4.82 16.48 -4.89
C ALA A 130 -3.64 17.32 -4.40
N MET A 131 -2.77 17.61 -5.36
CA MET A 131 -1.52 18.34 -5.15
C MET A 131 -1.79 19.81 -4.86
N SER A 132 -3.03 20.26 -5.06
CA SER A 132 -3.45 21.65 -4.69
C SER A 132 -3.72 21.70 -3.19
N ARG A 133 -4.40 20.66 -2.71
N ARG A 133 -4.36 20.66 -2.70
CA ARG A 133 -4.82 20.59 -1.33
CA ARG A 133 -4.78 20.63 -1.33
C ARG A 133 -3.70 20.09 -0.43
C ARG A 133 -3.71 20.07 -0.42
N VAL A 134 -2.89 19.16 -0.93
CA VAL A 134 -1.79 18.57 -0.15
C VAL A 134 -0.60 18.42 -1.06
N GLY A 135 0.44 19.20 -0.78
CA GLY A 135 1.58 19.32 -1.68
C GLY A 135 2.78 18.46 -1.29
N LEU A 136 3.69 18.31 -2.24
CA LEU A 136 4.91 17.49 -2.04
C LEU A 136 5.69 17.87 -0.76
N GLY A 137 6.23 16.86 -0.10
CA GLY A 137 6.96 17.03 1.15
C GLY A 137 6.11 17.37 2.36
N ALA A 138 4.79 17.43 2.24
CA ALA A 138 3.97 17.69 3.43
C ALA A 138 4.06 16.54 4.44
N ASN A 139 4.55 15.37 4.01
CA ASN A 139 4.65 14.18 4.87
C ASN A 139 5.95 13.95 5.63
N ALA A 140 6.94 14.80 5.42
CA ALA A 140 8.06 14.96 6.36
C ALA A 140 7.97 16.38 6.97
N GLY A 141 9.08 17.08 7.17
CA GLY A 141 8.98 18.46 7.68
C GLY A 141 10.07 18.98 8.61
N PRO A 142 10.19 18.42 9.84
CA PRO A 142 11.30 18.76 10.76
C PRO A 142 12.73 18.53 10.21
N ASP A 143 12.95 17.40 9.54
CA ASP A 143 14.26 16.98 8.98
C ASP A 143 15.41 18.00 9.04
N ARG A 144 16.22 17.88 10.11
CA ARG A 144 17.40 18.73 10.35
C ARG A 144 17.16 20.24 10.25
N SER A 145 17.01 20.88 11.41
CA SER A 145 16.85 22.33 11.54
C SER A 145 15.54 22.83 10.94
N TRP A 152 30.81 6.35 1.21
CA TRP A 152 29.81 5.61 1.99
C TRP A 152 28.44 6.30 2.05
N ASP A 153 27.37 5.49 2.09
CA ASP A 153 26.06 5.87 2.65
C ASP A 153 25.34 7.11 2.07
N ILE A 154 25.55 7.41 0.78
CA ILE A 154 25.12 8.71 0.22
C ILE A 154 23.68 8.81 -0.35
N ASP A 155 23.31 10.04 -0.75
CA ASP A 155 21.92 10.43 -1.01
C ASP A 155 21.43 10.31 -2.46
N LEU A 156 20.13 10.04 -2.60
CA LEU A 156 19.48 10.09 -3.88
C LEU A 156 19.45 11.54 -4.33
N PRO A 157 19.69 11.81 -5.64
CA PRO A 157 19.45 13.20 -6.08
C PRO A 157 17.98 13.57 -5.90
N ASN A 158 17.68 14.86 -5.84
CA ASN A 158 16.29 15.30 -6.03
C ASN A 158 15.92 15.26 -7.52
N GLN A 159 14.63 15.12 -7.78
CA GLN A 159 14.05 14.97 -9.13
C GLN A 159 14.52 15.92 -10.26
N PHE A 160 14.93 17.15 -9.93
CA PHE A 160 15.46 18.05 -10.93
C PHE A 160 16.93 17.79 -11.20
N GLU A 161 17.67 17.43 -10.16
CA GLU A 161 19.06 17.04 -10.33
C GLU A 161 19.20 15.75 -11.12
N ALA A 162 18.32 14.80 -10.84
CA ALA A 162 18.23 13.53 -11.61
C ALA A 162 17.95 13.77 -13.10
N ALA A 163 16.92 14.58 -13.40
CA ALA A 163 16.60 14.89 -14.80
C ALA A 163 17.80 15.46 -15.57
N GLU A 164 18.72 16.16 -14.89
CA GLU A 164 19.91 16.74 -15.55
C GLU A 164 21.04 15.72 -15.62
N ARG A 165 21.09 14.86 -14.62
CA ARG A 165 22.08 13.81 -14.61
C ARG A 165 21.83 12.81 -15.74
N ILE A 166 20.59 12.34 -15.84
CA ILE A 166 20.09 11.52 -16.94
C ILE A 166 20.37 12.18 -18.29
N ALA A 167 20.11 13.49 -18.39
CA ALA A 167 20.40 14.24 -19.60
C ALA A 167 21.88 14.25 -19.98
N LYS A 168 22.77 14.54 -19.01
CA LYS A 168 24.24 14.52 -19.29
C LYS A 168 24.69 13.12 -19.66
N ARG A 169 24.11 12.12 -19.01
CA ARG A 169 24.43 10.75 -19.33
C ARG A 169 24.21 10.35 -20.77
N ARG A 170 23.24 11.00 -21.45
CA ARG A 170 22.80 10.59 -22.81
C ARG A 170 23.07 11.60 -23.93
N GLY A 171 23.76 12.70 -23.62
CA GLY A 171 24.00 13.79 -24.59
C GLY A 171 22.74 14.57 -24.98
N ILE A 172 21.71 14.50 -24.12
CA ILE A 172 20.43 15.19 -24.34
C ILE A 172 20.60 16.71 -24.10
N THR A 173 20.11 17.52 -25.02
CA THR A 173 20.46 18.93 -25.06
C THR A 173 19.20 19.71 -24.85
N ARG A 174 19.35 20.99 -24.49
CA ARG A 174 18.19 21.87 -24.33
C ARG A 174 17.27 21.87 -25.57
N GLU A 175 17.86 21.88 -26.76
CA GLU A 175 17.07 21.85 -27.98
C GLU A 175 16.23 20.57 -28.05
N ASP A 176 16.85 19.43 -27.72
CA ASP A 176 16.21 18.12 -27.74
C ASP A 176 14.93 18.09 -26.91
N VAL A 177 15.05 18.49 -25.66
CA VAL A 177 13.93 18.45 -24.74
C VAL A 177 12.84 19.47 -25.07
N ASP A 178 13.18 20.52 -25.79
CA ASP A 178 12.20 21.53 -26.17
C ASP A 178 11.35 21.00 -27.34
N VAL A 179 12.01 20.35 -28.30
CA VAL A 179 11.32 19.63 -29.37
C VAL A 179 10.28 18.65 -28.78
N PHE A 180 10.68 17.93 -27.73
CA PHE A 180 9.83 17.00 -27.02
C PHE A 180 8.59 17.62 -26.35
N GLY A 181 8.82 18.50 -25.39
CA GLY A 181 7.73 19.28 -24.76
C GLY A 181 6.77 19.95 -25.73
N LEU A 182 7.30 20.48 -26.83
CA LEU A 182 6.44 21.02 -27.87
C LEU A 182 5.52 19.94 -28.44
N GLU A 183 6.09 18.79 -28.79
CA GLU A 183 5.30 17.73 -29.40
C GLU A 183 4.31 17.12 -28.37
N SER A 184 4.70 17.05 -27.09
CA SER A 184 3.76 16.62 -26.07
C SER A 184 2.52 17.51 -26.04
N GLN A 185 2.75 18.82 -26.12
CA GLN A 185 1.67 19.80 -26.17
C GLN A 185 0.81 19.64 -27.42
N ARG A 186 1.47 19.54 -28.58
CA ARG A 186 0.80 19.35 -29.89
CA ARG A 186 0.83 19.34 -29.89
C ARG A 186 -0.08 18.10 -29.90
N ARG A 187 0.50 16.95 -29.54
CA ARG A 187 -0.20 15.67 -29.58
C ARG A 187 -1.41 15.66 -28.68
N ALA A 188 -1.31 16.36 -27.54
CA ALA A 188 -2.45 16.46 -26.62
C ALA A 188 -3.56 17.34 -27.15
N GLN A 189 -3.17 18.43 -27.80
CA GLN A 189 -4.09 19.39 -28.38
C GLN A 189 -4.87 18.72 -29.49
N ARG A 190 -4.16 18.03 -30.39
CA ARG A 190 -4.82 17.20 -31.39
C ARG A 190 -5.82 16.19 -30.77
N ALA A 191 -5.40 15.43 -29.76
CA ALA A 191 -6.31 14.46 -29.18
C ALA A 191 -7.52 15.11 -28.53
N TRP A 192 -7.34 16.31 -27.98
CA TRP A 192 -8.48 17.05 -27.44
C TRP A 192 -9.39 17.51 -28.55
N ALA A 193 -8.86 18.32 -29.47
CA ALA A 193 -9.56 18.63 -30.68
C ALA A 193 -10.35 17.43 -31.20
N GLU A 194 -9.74 16.25 -31.35
CA GLU A 194 -10.50 15.08 -31.85
C GLU A 194 -11.43 14.34 -30.86
N GLY A 195 -11.44 14.79 -29.61
CA GLY A 195 -12.22 14.12 -28.58
C GLY A 195 -11.81 12.68 -28.33
N ARG A 196 -10.50 12.40 -28.35
CA ARG A 196 -10.05 11.04 -28.07
C ARG A 196 -10.13 10.68 -26.60
N PHE A 197 -10.24 11.69 -25.75
CA PHE A 197 -10.31 11.48 -24.30
C PHE A 197 -11.71 11.29 -23.79
N ASP A 198 -12.66 11.65 -24.63
CA ASP A 198 -14.06 11.71 -24.28
C ASP A 198 -14.56 10.45 -23.56
N ARG A 199 -14.23 9.27 -24.07
CA ARG A 199 -14.64 7.98 -23.47
C ARG A 199 -13.99 7.71 -22.09
N GLU A 200 -12.74 8.09 -21.90
CA GLU A 200 -12.08 7.72 -20.66
C GLU A 200 -12.45 8.64 -19.50
N ILE A 201 -12.87 9.87 -19.85
CA ILE A 201 -13.09 10.89 -18.86
C ILE A 201 -14.49 10.82 -18.24
N SER A 202 -14.57 10.80 -16.92
CA SER A 202 -15.84 11.02 -16.18
C SER A 202 -15.78 12.48 -15.73
N PRO A 203 -16.63 13.35 -16.29
CA PRO A 203 -16.52 14.75 -15.85
C PRO A 203 -17.03 14.88 -14.42
N ILE A 204 -16.48 15.86 -13.72
CA ILE A 204 -16.57 15.98 -12.29
C ILE A 204 -17.17 17.31 -11.94
N GLN A 205 -18.12 17.28 -11.02
CA GLN A 205 -18.63 18.49 -10.42
C GLN A 205 -17.64 18.93 -9.38
N ALA A 206 -17.18 20.18 -9.51
CA ALA A 206 -16.27 20.81 -8.55
C ALA A 206 -16.77 22.15 -8.04
N PRO A 207 -16.67 22.38 -6.71
CA PRO A 207 -16.88 23.70 -6.16
C PRO A 207 -15.93 24.66 -6.82
N VAL A 208 -16.45 25.77 -7.32
CA VAL A 208 -15.64 26.88 -7.88
C VAL A 208 -15.14 27.88 -6.81
N LEU A 209 -13.82 28.02 -6.72
CA LEU A 209 -13.22 28.99 -5.83
C LEU A 209 -12.95 30.29 -6.61
N ASP A 210 -12.72 31.39 -5.90
CA ASP A 210 -12.48 32.67 -6.57
C ASP A 210 -11.03 33.11 -6.44
N GLU A 211 -10.75 34.34 -6.93
CA GLU A 211 -9.39 34.92 -6.90
C GLU A 211 -8.90 35.04 -5.45
N GLN A 212 -9.87 35.14 -4.53
CA GLN A 212 -9.60 35.20 -3.09
C GLN A 212 -9.56 33.82 -2.42
N ASN A 213 -9.84 32.78 -3.21
CA ASN A 213 -9.81 31.39 -2.76
C ASN A 213 -11.03 30.94 -1.95
N GLN A 214 -12.14 31.62 -2.18
CA GLN A 214 -13.34 31.32 -1.46
C GLN A 214 -14.41 30.81 -2.41
N PRO A 215 -15.22 29.86 -1.93
CA PRO A 215 -16.28 29.36 -2.80
C PRO A 215 -17.20 30.51 -3.19
N THR A 216 -17.43 30.65 -4.49
CA THR A 216 -18.60 31.33 -5.01
C THR A 216 -19.68 30.30 -4.67
N GLY A 217 -20.85 30.34 -5.29
CA GLY A 217 -21.82 29.31 -4.92
C GLY A 217 -21.74 28.14 -5.87
N GLU A 218 -21.21 28.45 -7.05
CA GLU A 218 -21.21 27.59 -8.20
C GLU A 218 -20.36 26.35 -8.03
N ARG A 219 -20.81 25.31 -8.72
CA ARG A 219 -20.07 24.08 -8.90
C ARG A 219 -20.00 23.71 -10.41
N ARG A 220 -18.91 24.12 -11.09
CA ARG A 220 -18.78 23.81 -12.52
CA ARG A 220 -18.65 23.82 -12.51
C ARG A 220 -18.55 22.33 -12.77
N LEU A 221 -18.87 21.94 -14.00
CA LEU A 221 -18.73 20.58 -14.42
C LEU A 221 -17.49 20.51 -15.28
N VAL A 222 -16.40 20.06 -14.67
CA VAL A 222 -15.10 20.09 -15.29
C VAL A 222 -14.90 18.86 -16.17
N PHE A 223 -14.51 19.07 -17.42
CA PHE A 223 -14.32 17.95 -18.33
C PHE A 223 -13.03 17.96 -19.19
N ARG A 224 -12.37 19.11 -19.24
CA ARG A 224 -11.22 19.27 -20.11
C ARG A 224 -9.95 19.18 -19.27
N ASP A 225 -8.86 18.60 -19.78
CA ASP A 225 -7.60 18.61 -19.01
C ASP A 225 -7.07 20.03 -19.01
N GLN A 226 -6.77 20.59 -17.83
CA GLN A 226 -6.51 22.03 -17.72
C GLN A 226 -5.15 22.48 -18.27
N GLY A 227 -4.25 21.52 -18.44
CA GLY A 227 -2.85 21.81 -18.67
C GLY A 227 -2.43 22.26 -20.05
N LEU A 228 -3.33 22.13 -21.04
CA LEU A 228 -3.03 22.47 -22.45
C LEU A 228 -2.76 23.95 -22.55
N ARG A 229 -1.99 24.39 -23.56
CA ARG A 229 -1.43 25.74 -23.60
C ARG A 229 -0.76 25.96 -24.94
N GLU A 230 -1.04 27.08 -25.60
CA GLU A 230 -0.34 27.40 -26.86
C GLU A 230 1.12 27.40 -26.56
N THR A 231 1.88 26.66 -27.35
CA THR A 231 3.29 26.41 -27.05
C THR A 231 4.07 26.53 -28.34
N THR A 232 5.23 27.24 -28.34
CA THR A 232 6.12 27.35 -29.56
C THR A 232 7.62 27.06 -29.35
N MET A 233 8.31 26.52 -30.34
CA MET A 233 9.77 26.35 -30.25
C MET A 233 10.44 27.66 -29.81
N ALA A 234 10.06 28.76 -30.45
CA ALA A 234 10.56 30.08 -30.05
C ALA A 234 10.22 30.36 -28.57
N GLY A 235 8.97 30.07 -28.19
CA GLY A 235 8.43 30.42 -26.87
C GLY A 235 9.08 29.64 -25.74
N LEU A 236 8.94 28.31 -25.77
CA LEU A 236 9.73 27.42 -24.91
C LEU A 236 11.12 28.03 -24.75
N GLY A 237 11.83 28.14 -25.88
CA GLY A 237 13.07 28.93 -26.02
C GLY A 237 13.56 29.83 -24.90
N GLU A 238 12.74 30.79 -24.45
CA GLU A 238 13.27 31.72 -23.43
C GLU A 238 12.89 31.40 -21.98
N LEU A 239 12.25 30.26 -21.76
CA LEU A 239 11.99 29.85 -20.40
C LEU A 239 13.28 29.56 -19.62
N LYS A 240 13.29 29.97 -18.34
CA LYS A 240 14.40 29.70 -17.42
C LYS A 240 14.47 28.24 -16.97
N PRO A 241 15.67 27.65 -17.01
CA PRO A 241 15.87 26.36 -16.35
C PRO A 241 15.42 26.45 -14.89
N VAL A 242 15.16 25.32 -14.27
CA VAL A 242 14.64 25.34 -12.91
C VAL A 242 15.85 25.18 -12.03
N LEU A 243 16.82 24.47 -12.56
CA LEU A 243 18.15 24.46 -12.01
C LEU A 243 19.03 25.45 -12.78
N GLU A 244 19.78 26.25 -12.03
CA GLU A 244 20.94 26.95 -12.55
C GLU A 244 21.76 25.94 -13.37
N GLY A 245 22.01 26.23 -14.65
CA GLY A 245 22.85 25.35 -15.45
C GLY A 245 22.15 24.17 -16.08
N GLY A 246 20.90 23.92 -15.68
CA GLY A 246 20.08 22.86 -16.29
C GLY A 246 19.49 23.15 -17.67
N ILE A 247 18.92 22.12 -18.28
CA ILE A 247 18.19 22.26 -19.55
C ILE A 247 16.65 22.10 -19.42
N HIS A 248 16.19 21.55 -18.29
CA HIS A 248 14.75 21.41 -18.08
C HIS A 248 14.18 22.75 -17.59
N THR A 249 13.15 23.17 -18.32
N THR A 249 12.93 23.11 -17.97
CA THR A 249 12.19 24.12 -17.85
CA THR A 249 12.38 24.49 -17.77
C THR A 249 10.89 23.41 -17.70
C THR A 249 10.92 24.86 -17.31
N ALA A 250 10.13 23.93 -16.77
CA ALA A 250 8.63 23.98 -16.78
C ALA A 250 7.83 23.61 -18.07
N GLY A 251 8.29 24.03 -19.24
CA GLY A 251 7.64 23.57 -20.47
C GLY A 251 8.21 22.26 -21.03
N THR A 252 9.04 21.57 -20.24
CA THR A 252 9.62 20.30 -20.64
C THR A 252 9.74 19.35 -19.46
N SER A 253 8.94 19.64 -18.42
CA SER A 253 8.77 18.81 -17.21
C SER A 253 7.33 18.88 -16.80
N SER A 254 6.82 17.79 -16.24
CA SER A 254 5.37 17.66 -16.08
C SER A 254 4.81 18.75 -15.18
N GLN A 255 3.51 19.01 -15.30
CA GLN A 255 2.87 19.98 -14.40
C GLN A 255 2.27 19.39 -13.10
N ILE A 256 2.46 20.09 -11.96
CA ILE A 256 1.76 19.73 -10.70
C ILE A 256 0.25 19.76 -10.93
N SER A 257 -0.48 18.72 -10.56
CA SER A 257 -1.92 18.69 -10.90
C SER A 257 -2.80 18.02 -9.85
N ASP A 258 -4.11 18.20 -10.03
CA ASP A 258 -5.13 17.43 -9.33
C ASP A 258 -5.83 16.43 -10.29
N GLY A 259 -6.12 15.21 -9.81
CA GLY A 259 -6.80 14.19 -10.60
C GLY A 259 -6.83 12.81 -9.94
N ALA A 260 -7.62 11.91 -10.50
CA ALA A 260 -7.81 10.59 -9.88
C ALA A 260 -8.30 9.69 -10.98
N ALA A 261 -8.07 8.39 -10.85
CA ALA A 261 -8.33 7.48 -11.96
C ALA A 261 -8.69 6.19 -11.33
N ALA A 262 -9.33 5.28 -12.06
CA ALA A 262 -9.86 4.07 -11.45
C ALA A 262 -10.15 3.07 -12.52
N VAL A 263 -9.75 1.84 -12.26
CA VAL A 263 -9.91 0.74 -13.18
C VAL A 263 -10.62 -0.35 -12.40
N LEU A 264 -11.60 -1.00 -13.03
CA LEU A 264 -12.35 -2.04 -12.33
C LEU A 264 -12.03 -3.41 -12.88
N TRP A 265 -11.52 -4.28 -12.00
CA TRP A 265 -11.06 -5.61 -12.40
C TRP A 265 -11.96 -6.78 -11.95
N MET A 266 -12.08 -7.78 -12.78
CA MET A 266 -12.81 -8.98 -12.41
C MET A 266 -12.10 -10.27 -12.79
N ASP A 267 -12.50 -11.35 -12.14
CA ASP A 267 -12.15 -12.67 -12.64
C ASP A 267 -12.93 -12.86 -13.90
N GLU A 268 -12.24 -13.16 -14.99
CA GLU A 268 -12.89 -13.20 -16.32
C GLU A 268 -14.19 -14.01 -16.37
N ALA A 269 -14.19 -15.17 -15.71
CA ALA A 269 -15.35 -16.09 -15.68
C ALA A 269 -16.53 -15.47 -14.98
N VAL A 270 -16.29 -14.86 -13.83
CA VAL A 270 -17.28 -14.07 -13.11
C VAL A 270 -17.76 -12.88 -13.98
N ALA A 271 -16.82 -12.13 -14.57
CA ALA A 271 -17.16 -11.10 -15.56
C ALA A 271 -18.13 -11.70 -16.58
N ARG A 272 -17.68 -12.75 -17.27
CA ARG A 272 -18.44 -13.37 -18.37
C ARG A 272 -19.82 -13.85 -17.88
N ALA A 273 -19.88 -14.42 -16.68
CA ALA A 273 -21.11 -15.04 -16.13
C ALA A 273 -22.22 -14.05 -15.72
N HIS A 274 -21.81 -12.81 -15.44
CA HIS A 274 -22.72 -11.79 -14.95
C HIS A 274 -22.86 -10.66 -15.96
N GLY A 275 -22.48 -10.94 -17.21
CA GLY A 275 -22.82 -10.06 -18.31
C GLY A 275 -21.86 -8.91 -18.57
N LEU A 276 -20.62 -9.03 -18.08
CA LEU A 276 -19.66 -7.95 -18.34
C LEU A 276 -18.62 -8.36 -19.36
N THR A 277 -18.21 -7.44 -20.22
CA THR A 277 -17.26 -7.79 -21.26
C THR A 277 -15.84 -7.56 -20.79
N PRO A 278 -15.01 -8.62 -20.75
CA PRO A 278 -13.61 -8.36 -20.44
C PRO A 278 -12.97 -7.50 -21.54
N ARG A 279 -12.03 -6.62 -21.19
CA ARG A 279 -11.46 -5.70 -22.17
C ARG A 279 -9.95 -5.76 -22.37
N ALA A 280 -9.23 -6.22 -21.35
CA ALA A 280 -7.79 -6.31 -21.37
C ALA A 280 -7.32 -7.23 -20.26
N ARG A 281 -6.20 -7.91 -20.51
CA ARG A 281 -5.47 -8.62 -19.47
C ARG A 281 -4.04 -8.07 -19.33
N ILE A 282 -3.37 -8.47 -18.24
CA ILE A 282 -1.96 -8.13 -18.06
C ILE A 282 -1.13 -9.27 -18.67
N VAL A 283 -0.27 -8.96 -19.64
CA VAL A 283 0.66 -9.95 -20.11
C VAL A 283 1.81 -10.13 -19.09
N ALA A 284 2.30 -9.05 -18.50
CA ALA A 284 3.43 -9.07 -17.56
C ALA A 284 3.41 -7.80 -16.73
N GLN A 285 3.96 -7.89 -15.52
CA GLN A 285 3.97 -6.75 -14.61
C GLN A 285 5.22 -6.74 -13.74
N ALA A 286 5.64 -5.54 -13.34
CA ALA A 286 6.85 -5.38 -12.53
C ALA A 286 6.89 -4.08 -11.72
N LEU A 287 7.54 -4.17 -10.56
CA LEU A 287 8.04 -3.00 -9.85
C LEU A 287 9.50 -3.28 -9.53
N VAL A 288 10.37 -2.55 -10.18
CA VAL A 288 11.80 -2.79 -10.00
C VAL A 288 12.59 -1.62 -9.42
N GLY A 289 13.79 -1.95 -8.93
CA GLY A 289 14.69 -0.95 -8.38
C GLY A 289 15.35 -0.27 -9.54
N ALA A 290 15.88 0.92 -9.32
CA ALA A 290 16.67 1.57 -10.35
C ALA A 290 18.03 1.97 -9.80
N GLU A 291 18.84 2.60 -10.63
CA GLU A 291 20.15 3.07 -10.17
C GLU A 291 20.07 4.37 -9.33
N PRO A 292 20.46 4.31 -8.05
CA PRO A 292 20.30 5.47 -7.16
C PRO A 292 20.84 6.79 -7.73
N TYR A 293 21.98 6.73 -8.40
CA TYR A 293 22.64 7.95 -8.85
C TYR A 293 21.75 8.71 -9.85
N TYR A 294 21.24 8.01 -10.86
CA TYR A 294 20.38 8.65 -11.84
C TYR A 294 18.91 8.82 -11.40
N HIS A 295 18.57 8.08 -10.35
CA HIS A 295 17.29 8.14 -9.67
C HIS A 295 16.05 7.82 -10.55
N LEU A 296 15.92 8.45 -11.70
CA LEU A 296 14.69 8.31 -12.49
C LEU A 296 14.85 7.65 -13.86
N ASP A 297 15.89 6.85 -14.04
CA ASP A 297 16.11 6.24 -15.32
C ASP A 297 15.43 4.90 -15.26
N GLY A 298 14.67 4.68 -14.20
CA GLY A 298 14.01 3.40 -13.96
C GLY A 298 13.27 2.72 -15.12
N PRO A 299 12.72 3.52 -16.05
CA PRO A 299 12.00 2.89 -17.12
C PRO A 299 12.81 1.96 -18.02
N VAL A 300 14.09 2.24 -18.22
CA VAL A 300 14.99 1.28 -18.88
C VAL A 300 14.87 -0.11 -18.22
N GLN A 301 14.93 -0.11 -16.89
CA GLN A 301 14.90 -1.34 -16.10
C GLN A 301 13.53 -2.03 -16.15
N SER A 302 12.46 -1.24 -16.00
CA SER A 302 11.12 -1.86 -15.95
C SER A 302 10.67 -2.37 -17.31
N THR A 303 10.91 -1.58 -18.35
CA THR A 303 10.65 -2.06 -19.70
C THR A 303 11.42 -3.37 -19.96
N ALA A 304 12.72 -3.35 -19.72
CA ALA A 304 13.53 -4.57 -19.91
C ALA A 304 12.93 -5.77 -19.20
N LYS A 305 12.36 -5.56 -18.01
CA LYS A 305 11.90 -6.69 -17.22
C LYS A 305 10.58 -7.25 -17.72
N VAL A 306 9.60 -6.39 -17.99
CA VAL A 306 8.34 -6.86 -18.58
C VAL A 306 8.50 -7.40 -20.00
N LEU A 307 9.34 -6.78 -20.86
CA LEU A 307 9.54 -7.41 -22.19
C LEU A 307 10.13 -8.80 -21.99
N GLU A 308 11.06 -8.90 -21.05
CA GLU A 308 11.76 -10.12 -20.85
C GLU A 308 10.75 -11.19 -20.37
N LYS A 309 9.97 -10.88 -19.34
CA LYS A 309 8.92 -11.78 -18.85
C LYS A 309 7.90 -12.15 -19.92
N ALA A 310 7.48 -11.15 -20.70
CA ALA A 310 6.40 -11.34 -21.69
C ALA A 310 6.85 -12.23 -22.84
N GLY A 311 8.16 -12.38 -22.96
CA GLY A 311 8.81 -12.95 -24.12
C GLY A 311 8.72 -12.07 -25.36
N MET A 312 8.69 -10.75 -25.19
CA MET A 312 8.50 -9.81 -26.32
C MET A 312 9.64 -8.80 -26.49
N LYS A 313 9.59 -8.10 -27.62
CA LYS A 313 10.57 -7.06 -27.98
C LYS A 313 9.79 -5.79 -28.10
N ILE A 314 10.45 -4.65 -27.95
CA ILE A 314 9.78 -3.36 -28.16
C ILE A 314 8.95 -3.32 -29.45
N GLY A 315 9.43 -3.99 -30.49
CA GLY A 315 8.71 -4.06 -31.74
C GLY A 315 7.33 -4.70 -31.69
N ASP A 316 7.05 -5.59 -30.73
CA ASP A 316 5.69 -6.17 -30.60
C ASP A 316 4.63 -5.26 -29.94
N ILE A 317 5.03 -4.10 -29.41
CA ILE A 317 4.16 -3.24 -28.63
C ILE A 317 3.59 -2.15 -29.52
N ASP A 318 2.26 -2.04 -29.58
CA ASP A 318 1.65 -1.07 -30.46
C ASP A 318 1.69 0.34 -29.91
N ILE A 319 1.48 0.46 -28.60
CA ILE A 319 1.30 1.73 -27.87
C ILE A 319 2.17 1.71 -26.63
N VAL A 320 2.88 2.81 -26.37
CA VAL A 320 3.58 2.97 -25.09
C VAL A 320 3.13 4.24 -24.40
N GLU A 321 2.74 4.11 -23.14
CA GLU A 321 2.61 5.22 -22.21
C GLU A 321 3.83 5.20 -21.27
N ILE A 322 4.69 6.20 -21.43
CA ILE A 322 5.82 6.38 -20.53
C ILE A 322 5.62 7.76 -20.00
N ASN A 323 5.85 7.94 -18.72
CA ASN A 323 5.44 9.17 -18.08
C ASN A 323 6.46 10.27 -18.18
N GLU A 324 6.05 11.35 -18.81
CA GLU A 324 6.89 12.52 -19.00
C GLU A 324 7.10 13.35 -17.72
N ALA A 325 7.47 12.69 -16.62
CA ALA A 325 8.05 13.39 -15.45
C ALA A 325 8.94 14.53 -15.94
N PHE A 326 9.87 14.19 -16.83
CA PHE A 326 10.85 15.09 -17.44
C PHE A 326 11.22 14.59 -18.85
N ALA A 327 11.54 15.50 -19.77
CA ALA A 327 11.89 15.08 -21.14
C ALA A 327 13.11 14.16 -21.19
N SER A 328 14.15 14.44 -20.41
CA SER A 328 15.34 13.58 -20.45
C SER A 328 15.00 12.09 -20.17
N VAL A 329 14.19 11.82 -19.14
CA VAL A 329 13.77 10.46 -18.76
C VAL A 329 13.29 9.61 -19.95
N VAL A 330 12.36 10.19 -20.71
CA VAL A 330 11.80 9.59 -21.89
C VAL A 330 12.84 9.52 -23.01
N LEU A 331 13.54 10.63 -23.24
CA LEU A 331 14.60 10.60 -24.25
C LEU A 331 15.70 9.56 -23.90
N SER A 332 16.03 9.45 -22.62
CA SER A 332 17.00 8.47 -22.17
C SER A 332 16.50 7.04 -22.37
N TRP A 333 15.21 6.81 -22.16
CA TRP A 333 14.63 5.49 -22.31
C TRP A 333 14.54 5.09 -23.80
N ALA A 334 14.34 6.10 -24.67
CA ALA A 334 14.35 5.91 -26.10
C ALA A 334 15.77 5.62 -26.67
N ARG A 335 16.84 6.24 -26.14
CA ARG A 335 18.14 5.85 -26.65
CA ARG A 335 18.19 5.86 -26.62
C ARG A 335 18.42 4.38 -26.30
N VAL A 336 18.01 3.93 -25.13
CA VAL A 336 18.19 2.50 -24.84
C VAL A 336 17.24 1.53 -25.61
N HIS A 337 15.92 1.58 -25.43
CA HIS A 337 15.06 0.55 -26.03
C HIS A 337 14.68 0.75 -27.50
N GLU A 338 15.06 1.91 -28.04
CA GLU A 338 14.95 2.23 -29.47
C GLU A 338 13.57 1.96 -30.09
N PRO A 339 12.50 2.58 -29.52
CA PRO A 339 11.13 2.47 -29.95
C PRO A 339 10.83 3.40 -31.13
N ASP A 340 9.68 3.18 -31.77
CA ASP A 340 9.13 4.13 -32.73
C ASP A 340 8.41 5.25 -31.99
N MET A 341 9.01 6.42 -32.01
CA MET A 341 8.44 7.60 -31.32
C MET A 341 6.96 7.90 -31.62
N ASP A 342 6.44 7.39 -32.72
CA ASP A 342 5.06 7.63 -33.12
C ASP A 342 4.06 6.80 -32.39
N ARG A 343 4.58 5.86 -31.61
CA ARG A 343 3.76 4.95 -30.82
C ARG A 343 3.94 5.16 -29.33
N VAL A 344 4.68 6.22 -28.97
CA VAL A 344 4.98 6.53 -27.59
C VAL A 344 4.22 7.77 -27.25
N ASN A 345 3.44 7.73 -26.16
CA ASN A 345 2.64 8.86 -25.68
C ASN A 345 1.85 9.56 -26.80
N VAL A 346 1.00 8.79 -27.50
CA VAL A 346 0.39 9.27 -28.76
C VAL A 346 -0.66 10.37 -28.62
N ASN A 347 -1.17 10.56 -27.41
CA ASN A 347 -2.14 11.61 -27.16
C ASN A 347 -1.47 12.69 -26.27
N GLY A 348 -0.13 12.79 -26.38
CA GLY A 348 0.66 13.68 -25.52
C GLY A 348 0.81 13.06 -24.13
N GLY A 349 1.52 13.74 -23.23
CA GLY A 349 1.69 13.20 -21.88
C GLY A 349 1.71 14.23 -20.77
N ALA A 350 2.30 13.82 -19.65
CA ALA A 350 2.36 14.66 -18.44
C ALA A 350 2.91 16.11 -18.63
N ILE A 351 3.85 16.33 -19.55
CA ILE A 351 4.25 17.69 -19.84
C ILE A 351 2.99 18.53 -20.15
N ALA A 352 2.17 18.02 -21.05
CA ALA A 352 0.99 18.76 -21.47
C ALA A 352 -0.19 18.56 -20.52
N LEU A 353 -0.46 17.32 -20.16
CA LEU A 353 -1.72 17.01 -19.48
C LEU A 353 -1.61 17.13 -17.96
N GLY A 354 -0.40 17.12 -17.43
CA GLY A 354 -0.22 17.17 -15.96
C GLY A 354 0.16 15.83 -15.32
N HIS A 355 0.54 15.90 -14.04
CA HIS A 355 1.07 14.76 -13.33
C HIS A 355 0.76 14.88 -11.82
N PRO A 356 -0.46 14.45 -11.46
CA PRO A 356 -0.85 14.35 -10.08
C PRO A 356 -0.38 13.01 -9.61
N VAL A 357 0.73 13.06 -8.89
CA VAL A 357 1.64 11.93 -8.73
C VAL A 357 0.97 10.64 -8.36
N GLY A 358 0.05 10.63 -7.42
CA GLY A 358 -0.47 9.33 -6.97
C GLY A 358 -1.40 8.74 -7.99
N CYS A 359 -1.96 9.59 -8.83
CA CYS A 359 -2.97 9.18 -9.78
C CYS A 359 -2.37 8.65 -11.11
N THR A 360 -1.23 9.21 -11.50
CA THR A 360 -0.78 9.05 -12.87
C THR A 360 -0.77 7.59 -13.40
N GLY A 361 -0.29 6.67 -12.57
CA GLY A 361 -0.20 5.29 -12.92
C GLY A 361 -1.51 4.63 -13.28
N SER A 362 -2.60 5.00 -12.62
CA SER A 362 -3.90 4.48 -13.05
C SER A 362 -4.44 5.26 -14.27
N ARG A 363 -4.04 6.53 -14.34
CA ARG A 363 -4.36 7.36 -15.45
C ARG A 363 -3.77 6.76 -16.76
N LEU A 364 -2.49 6.37 -16.72
CA LEU A 364 -1.79 5.91 -17.92
C LEU A 364 -2.39 4.64 -18.49
N ILE A 365 -2.62 3.66 -17.62
CA ILE A 365 -3.29 2.43 -17.98
C ILE A 365 -4.64 2.77 -18.64
N THR A 366 -5.42 3.66 -18.00
CA THR A 366 -6.67 4.19 -18.58
C THR A 366 -6.47 4.78 -19.98
N THR A 367 -5.56 5.73 -20.16
CA THR A 367 -5.29 6.27 -21.50
C THR A 367 -4.98 5.15 -22.53
N ALA A 368 -4.02 4.31 -22.19
CA ALA A 368 -3.55 3.30 -23.13
C ALA A 368 -4.66 2.33 -23.54
N LEU A 369 -5.47 1.86 -22.57
CA LEU A 369 -6.53 0.92 -22.92
C LEU A 369 -7.49 1.54 -23.91
N HIS A 370 -7.93 2.77 -23.66
CA HIS A 370 -8.78 3.46 -24.63
C HIS A 370 -8.12 3.66 -26.00
N GLU A 371 -6.83 4.01 -26.04
CA GLU A 371 -6.15 4.15 -27.32
C GLU A 371 -5.97 2.83 -28.06
N LEU A 372 -5.81 1.71 -27.35
CA LEU A 372 -5.79 0.40 -28.06
C LEU A 372 -7.20 0.11 -28.61
N GLU A 373 -8.21 0.53 -27.86
CA GLU A 373 -9.59 0.35 -28.27
C GLU A 373 -9.95 1.27 -29.44
N ARG A 374 -9.57 2.55 -29.37
CA ARG A 374 -9.85 3.47 -30.48
C ARG A 374 -9.22 2.97 -31.79
N THR A 375 -7.98 2.53 -31.75
CA THR A 375 -7.24 2.24 -32.96
C THR A 375 -7.29 0.78 -33.32
N ASP A 376 -7.92 -0.02 -32.47
CA ASP A 376 -8.06 -1.46 -32.70
C ASP A 376 -6.74 -2.17 -32.72
N GLN A 377 -5.87 -1.82 -31.78
CA GLN A 377 -4.55 -2.44 -31.70
C GLN A 377 -4.51 -3.35 -30.49
N SER A 378 -3.40 -4.03 -30.25
CA SER A 378 -3.43 -5.20 -29.39
C SER A 378 -2.72 -5.08 -28.01
N LEU A 379 -1.57 -4.41 -28.01
CA LEU A 379 -0.59 -4.49 -26.94
C LEU A 379 -0.09 -3.11 -26.51
N ALA A 380 -0.10 -2.86 -25.19
CA ALA A 380 0.44 -1.61 -24.69
C ALA A 380 1.44 -1.73 -23.55
N LEU A 381 2.51 -0.94 -23.65
CA LEU A 381 3.46 -0.86 -22.56
C LEU A 381 3.30 0.41 -21.79
N ILE A 382 3.13 0.24 -20.48
CA ILE A 382 3.03 1.35 -19.52
C ILE A 382 4.27 1.31 -18.57
N THR A 383 4.93 2.45 -18.43
CA THR A 383 6.12 2.52 -17.61
C THR A 383 6.36 3.91 -17.10
N MET A 384 6.78 3.99 -15.85
CA MET A 384 6.95 5.22 -15.09
C MET A 384 8.22 5.11 -14.28
N CYS A 385 8.92 6.23 -14.14
CA CYS A 385 9.96 6.32 -13.12
C CYS A 385 9.31 6.76 -11.81
N ALA A 386 10.06 6.72 -10.71
CA ALA A 386 9.49 6.89 -9.37
C ALA A 386 10.53 7.25 -8.35
N GLY A 387 10.21 8.24 -7.53
CA GLY A 387 11.07 8.59 -6.39
C GLY A 387 11.55 7.40 -5.59
N GLY A 388 12.75 7.52 -5.04
CA GLY A 388 13.33 6.40 -4.33
C GLY A 388 13.87 5.35 -5.29
N ALA A 389 14.04 5.74 -6.55
CA ALA A 389 14.65 4.89 -7.58
C ALA A 389 13.87 3.56 -7.71
N LEU A 390 12.60 3.73 -8.03
CA LEU A 390 11.80 2.61 -8.50
C LEU A 390 11.30 2.83 -9.94
N SER A 391 10.73 1.79 -10.52
CA SER A 391 10.07 2.01 -11.78
C SER A 391 9.01 0.94 -12.00
N THR A 392 7.87 1.34 -12.56
CA THR A 392 6.81 0.33 -12.75
C THR A 392 6.63 0.07 -14.21
N GLY A 393 6.37 -1.18 -14.57
CA GLY A 393 6.10 -1.46 -15.96
C GLY A 393 4.94 -2.41 -15.99
N THR A 394 4.16 -2.30 -17.07
CA THR A 394 3.10 -3.26 -17.40
C THR A 394 2.99 -3.46 -18.91
N ILE A 395 2.61 -4.66 -19.28
CA ILE A 395 2.20 -4.95 -20.63
C ILE A 395 0.74 -5.46 -20.61
N ILE A 396 -0.13 -4.71 -21.26
CA ILE A 396 -1.51 -5.13 -21.34
C ILE A 396 -1.86 -5.53 -22.76
N GLU A 397 -2.75 -6.52 -22.85
CA GLU A 397 -3.28 -7.03 -24.12
C GLU A 397 -4.79 -6.84 -24.18
N ARG A 398 -5.26 -6.17 -25.23
CA ARG A 398 -6.68 -6.00 -25.43
C ARG A 398 -7.34 -7.37 -25.66
N ILE A 399 -8.60 -7.53 -25.25
CA ILE A 399 -9.34 -8.77 -25.37
C ILE A 399 -10.53 -8.43 -26.25
N MET B 9 -0.31 -18.32 -12.49
CA MET B 9 0.91 -19.17 -12.62
CA MET B 9 0.91 -19.19 -12.62
C MET B 9 1.28 -19.81 -11.29
N GLY B 10 1.71 -18.99 -10.32
CA GLY B 10 2.30 -19.45 -9.02
C GLY B 10 1.50 -20.00 -7.84
N TYR B 11 2.14 -20.87 -7.05
CA TYR B 11 1.58 -21.45 -5.80
C TYR B 11 2.36 -20.96 -4.55
N PRO B 12 1.91 -19.88 -3.91
CA PRO B 12 2.74 -19.18 -2.94
C PRO B 12 2.69 -19.76 -1.53
N VAL B 13 3.87 -19.76 -0.89
CA VAL B 13 4.15 -20.43 0.39
C VAL B 13 5.23 -19.70 1.22
N ILE B 14 5.04 -19.64 2.54
CA ILE B 14 6.07 -19.08 3.44
C ILE B 14 7.27 -20.02 3.56
N VAL B 15 8.47 -19.55 3.27
CA VAL B 15 9.63 -20.36 3.57
C VAL B 15 10.32 -19.92 4.87
N GLU B 16 10.18 -18.64 5.24
CA GLU B 16 10.82 -18.11 6.47
CA GLU B 16 10.79 -18.13 6.48
C GLU B 16 10.03 -16.93 7.06
N ALA B 17 10.11 -16.77 8.37
CA ALA B 17 9.47 -15.64 9.07
C ALA B 17 10.20 -15.37 10.39
N THR B 18 10.42 -14.09 10.65
CA THR B 18 11.17 -13.65 11.82
C THR B 18 10.65 -12.30 12.24
N ARG B 19 10.92 -11.93 13.49
CA ARG B 19 10.45 -10.67 14.04
C ARG B 19 11.44 -10.16 15.07
N SER B 20 11.44 -8.85 15.27
CA SER B 20 12.18 -8.28 16.33
C SER B 20 11.40 -8.58 17.57
N PRO B 21 12.09 -8.61 18.70
CA PRO B 21 11.35 -8.45 19.93
C PRO B 21 10.53 -7.15 19.84
N ILE B 22 9.53 -6.97 20.70
CA ILE B 22 8.70 -5.76 20.70
C ILE B 22 9.14 -4.89 21.85
N GLY B 23 9.39 -3.61 21.57
CA GLY B 23 9.90 -2.71 22.62
C GLY B 23 8.88 -1.68 23.07
N LYS B 24 8.87 -1.36 24.36
CA LYS B 24 7.96 -0.34 24.95
C LYS B 24 8.13 1.07 24.39
N ARG B 25 7.03 1.84 24.43
CA ARG B 25 7.05 3.26 24.13
C ARG B 25 8.29 3.73 24.87
N ASN B 26 9.14 4.41 24.12
CA ASN B 26 10.45 4.89 24.59
C ASN B 26 11.43 3.88 25.18
N GLY B 27 11.43 2.65 24.67
CA GLY B 27 12.08 1.53 25.34
C GLY B 27 13.23 0.97 24.55
N TRP B 28 13.45 -0.32 24.73
CA TRP B 28 14.65 -0.96 24.25
C TRP B 28 15.00 -0.73 22.76
N LEU B 29 14.04 -0.32 21.94
CA LEU B 29 14.36 -0.12 20.52
C LEU B 29 14.22 1.31 20.07
N SER B 30 13.93 2.20 21.03
CA SER B 30 13.60 3.57 20.67
C SER B 30 14.81 4.29 20.13
N GLY B 31 15.99 3.72 20.36
CA GLY B 31 17.21 4.27 19.83
C GLY B 31 17.37 4.09 18.34
N LEU B 32 16.45 3.39 17.68
CA LEU B 32 16.65 3.10 16.27
C LEU B 32 15.69 3.85 15.39
N HIS B 33 16.21 4.45 14.33
CA HIS B 33 15.44 5.00 13.23
C HIS B 33 14.51 3.88 12.76
N ALA B 34 13.27 4.25 12.45
CA ALA B 34 12.21 3.29 12.00
C ALA B 34 12.72 2.45 10.86
N THR B 35 13.43 3.12 9.95
CA THR B 35 14.03 2.49 8.82
C THR B 35 15.07 1.46 9.25
N GLU B 36 15.85 1.75 10.29
CA GLU B 36 16.88 0.79 10.69
C GLU B 36 16.23 -0.43 11.29
N LEU B 37 15.20 -0.21 12.09
CA LEU B 37 14.52 -1.37 12.67
C LEU B 37 13.94 -2.39 11.61
N LEU B 38 13.09 -1.92 10.72
CA LEU B 38 12.67 -2.76 9.59
C LEU B 38 13.90 -3.30 8.82
N GLY B 39 14.80 -2.41 8.41
CA GLY B 39 15.99 -2.79 7.65
C GLY B 39 16.65 -4.03 8.24
N ALA B 40 16.93 -3.97 9.54
CA ALA B 40 17.46 -5.12 10.28
C ALA B 40 16.53 -6.33 10.13
N VAL B 41 15.22 -6.13 10.31
CA VAL B 41 14.32 -7.32 10.31
C VAL B 41 14.17 -7.95 8.90
N GLN B 42 14.10 -7.11 7.87
CA GLN B 42 14.19 -7.53 6.47
C GLN B 42 15.46 -8.30 6.24
N LYS B 43 16.59 -7.81 6.75
CA LYS B 43 17.85 -8.45 6.42
C LYS B 43 17.88 -9.80 7.05
N ALA B 44 17.25 -9.89 8.22
CA ALA B 44 17.30 -11.07 9.06
C ALA B 44 16.49 -12.18 8.45
N VAL B 45 15.34 -11.89 7.86
CA VAL B 45 14.54 -13.01 7.30
C VAL B 45 15.22 -13.59 6.06
N VAL B 46 15.92 -12.75 5.31
CA VAL B 46 16.69 -13.21 4.19
C VAL B 46 17.80 -14.10 4.71
N ASP B 47 18.55 -13.58 5.69
CA ASP B 47 19.67 -14.30 6.32
C ASP B 47 19.33 -15.71 6.76
N LYS B 48 18.13 -15.87 7.28
CA LYS B 48 17.71 -17.14 7.80
CA LYS B 48 17.65 -17.13 7.80
C LYS B 48 17.54 -18.13 6.67
N ALA B 49 17.08 -17.68 5.52
CA ALA B 49 16.82 -18.55 4.40
C ALA B 49 18.11 -19.02 3.75
N GLY B 50 19.15 -18.21 3.91
CA GLY B 50 20.42 -18.48 3.25
C GLY B 50 21.21 -19.58 3.93
N ILE B 51 20.83 -19.87 5.16
CA ILE B 51 21.53 -20.85 5.93
C ILE B 51 21.28 -22.26 5.35
N GLN B 52 20.12 -22.44 4.73
CA GLN B 52 19.70 -23.73 4.14
C GLN B 52 20.04 -23.89 2.63
N SER B 53 20.37 -22.78 1.97
CA SER B 53 20.35 -22.71 0.51
C SER B 53 21.24 -21.57 0.06
N GLY B 54 21.34 -21.39 -1.25
CA GLY B 54 22.08 -20.25 -1.80
C GLY B 54 21.41 -18.86 -1.74
N LEU B 55 20.15 -18.81 -1.28
CA LEU B 55 19.32 -17.62 -1.41
C LEU B 55 19.88 -16.43 -0.66
N HIS B 56 19.80 -15.26 -1.30
N HIS B 56 19.84 -15.27 -1.31
CA HIS B 56 20.38 -14.04 -0.79
CA HIS B 56 20.36 -14.04 -0.75
C HIS B 56 19.44 -12.85 -1.11
C HIS B 56 19.46 -12.86 -1.12
N ALA B 57 19.77 -11.66 -0.59
CA ALA B 57 18.87 -10.53 -0.70
C ALA B 57 18.36 -10.22 -2.11
N GLY B 58 19.26 -10.39 -3.10
CA GLY B 58 18.98 -10.00 -4.46
C GLY B 58 18.11 -10.97 -5.19
N ASP B 59 17.70 -12.05 -4.53
CA ASP B 59 16.76 -13.04 -5.13
C ASP B 59 15.31 -12.62 -4.97
N VAL B 60 15.10 -11.70 -4.03
CA VAL B 60 13.81 -11.14 -3.73
C VAL B 60 13.48 -10.17 -4.86
N GLU B 61 12.21 -10.16 -5.27
CA GLU B 61 11.83 -9.37 -6.44
C GLU B 61 11.15 -8.14 -5.99
N GLN B 62 10.40 -8.30 -4.91
CA GLN B 62 9.64 -7.21 -4.35
C GLN B 62 9.47 -7.36 -2.86
N VAL B 63 9.51 -6.23 -2.13
CA VAL B 63 9.11 -6.16 -0.72
C VAL B 63 7.84 -5.34 -0.58
N ILE B 64 6.87 -5.84 0.17
CA ILE B 64 5.69 -5.02 0.54
C ILE B 64 5.63 -4.94 2.06
N GLY B 65 5.53 -3.70 2.55
CA GLY B 65 5.57 -3.46 3.99
C GLY B 65 4.40 -2.66 4.48
N GLY B 66 3.97 -2.97 5.69
CA GLY B 66 2.93 -2.20 6.35
C GLY B 66 3.45 -1.25 7.42
N CYS B 67 2.76 -0.13 7.54
CA CYS B 67 3.12 0.95 8.40
C CYS B 67 1.95 1.88 8.35
N VAL B 68 1.47 2.30 9.51
CA VAL B 68 0.29 3.14 9.62
C VAL B 68 0.59 4.61 9.55
N THR B 69 1.53 5.08 10.38
CA THR B 69 1.70 6.54 10.52
C THR B 69 2.83 6.93 9.62
N GLN B 70 2.45 7.30 8.43
CA GLN B 70 3.41 7.39 7.37
C GLN B 70 3.89 8.80 7.26
N PHE B 71 4.42 9.27 8.39
CA PHE B 71 5.00 10.58 8.52
C PHE B 71 6.51 10.52 8.81
N GLY B 72 7.23 11.54 8.33
CA GLY B 72 8.65 11.78 8.63
C GLY B 72 9.55 10.59 8.39
N GLU B 73 10.13 10.08 9.47
CA GLU B 73 10.91 8.83 9.43
C GLU B 73 10.17 7.69 8.76
N GLN B 74 8.87 7.58 9.01
CA GLN B 74 8.12 6.47 8.44
C GLN B 74 7.48 6.81 7.08
N SER B 75 7.99 7.83 6.40
CA SER B 75 7.34 8.26 5.20
C SER B 75 8.24 7.96 4.01
N ASN B 76 7.97 8.58 2.87
CA ASN B 76 8.70 8.29 1.67
C ASN B 76 9.01 6.80 1.39
N ASN B 77 8.03 5.93 1.67
CA ASN B 77 8.03 4.51 1.32
C ASN B 77 9.06 3.75 2.18
N ILE B 78 8.85 3.82 3.49
CA ILE B 78 9.80 3.24 4.45
C ILE B 78 10.27 1.82 4.06
N SER B 79 9.36 1.01 3.51
CA SER B 79 9.72 -0.30 2.96
C SER B 79 10.96 -0.21 2.08
N ARG B 80 11.05 0.82 1.24
CA ARG B 80 12.21 0.96 0.36
C ARG B 80 13.39 1.63 1.06
N VAL B 81 13.11 2.69 1.81
CA VAL B 81 14.18 3.41 2.47
C VAL B 81 14.91 2.43 3.38
N ALA B 82 14.14 1.74 4.22
CA ALA B 82 14.69 0.67 5.05
C ALA B 82 15.60 -0.33 4.31
N TRP B 83 15.16 -0.82 3.15
CA TRP B 83 15.91 -1.83 2.39
C TRP B 83 17.24 -1.25 2.04
N LEU B 84 17.20 -0.10 1.38
CA LEU B 84 18.41 0.64 1.07
C LEU B 84 19.24 0.93 2.31
N THR B 85 18.62 1.14 3.46
CA THR B 85 19.36 1.47 4.66
C THR B 85 20.14 0.28 5.16
N ALA B 86 19.56 -0.89 5.02
CA ALA B 86 20.24 -2.11 5.48
C ALA B 86 21.37 -2.50 4.53
N GLY B 87 21.57 -1.70 3.47
CA GLY B 87 22.57 -1.98 2.46
C GLY B 87 22.17 -3.07 1.48
N LEU B 88 20.89 -3.45 1.47
CA LEU B 88 20.40 -4.49 0.55
C LEU B 88 20.27 -4.03 -0.93
N PRO B 89 20.21 -4.97 -1.89
CA PRO B 89 20.45 -4.57 -3.29
C PRO B 89 19.40 -3.58 -3.80
N GLU B 90 19.80 -2.62 -4.62
CA GLU B 90 18.87 -1.58 -5.01
CA GLU B 90 18.90 -1.57 -5.06
C GLU B 90 17.93 -2.04 -6.12
N HIS B 91 18.21 -3.20 -6.71
CA HIS B 91 17.38 -3.65 -7.84
C HIS B 91 16.03 -4.21 -7.40
N VAL B 92 15.85 -4.43 -6.11
CA VAL B 92 14.57 -4.97 -5.59
C VAL B 92 13.51 -3.86 -5.48
N GLY B 93 12.33 -4.15 -6.01
CA GLY B 93 11.22 -3.23 -5.86
C GLY B 93 10.60 -3.33 -4.47
N ALA B 94 10.01 -2.21 -4.02
CA ALA B 94 9.42 -2.08 -2.70
C ALA B 94 8.23 -1.09 -2.64
N THR B 95 7.22 -1.46 -1.86
CA THR B 95 6.01 -0.68 -1.68
C THR B 95 5.60 -0.73 -0.20
N THR B 96 5.09 0.38 0.30
CA THR B 96 4.57 0.40 1.63
C THR B 96 3.03 0.50 1.58
N VAL B 97 2.34 -0.19 2.49
CA VAL B 97 0.87 -0.16 2.47
C VAL B 97 0.16 0.31 3.79
N ASP B 98 -1.04 0.90 3.62
CA ASP B 98 -1.88 1.38 4.72
C ASP B 98 -3.33 0.88 4.57
N CYS B 99 -3.71 -0.10 5.38
CA CYS B 99 -5.10 -0.35 5.66
C CYS B 99 -5.22 -0.32 7.15
N GLN B 100 -4.58 0.70 7.72
CA GLN B 100 -4.46 0.90 9.17
C GLN B 100 -3.96 -0.34 9.92
N CYS B 101 -4.57 -0.65 11.05
CA CYS B 101 -4.07 -1.73 11.92
C CYS B 101 -3.82 -3.11 11.24
N GLY B 102 -4.35 -3.30 10.04
CA GLY B 102 -4.19 -4.56 9.32
C GLY B 102 -3.07 -4.52 8.32
N SER B 103 -2.48 -3.34 8.12
CA SER B 103 -1.47 -3.16 7.09
C SER B 103 -0.45 -4.28 7.02
N GLY B 104 0.03 -4.75 8.17
CA GLY B 104 1.06 -5.78 8.20
C GLY B 104 0.53 -7.11 7.72
N GLN B 105 -0.75 -7.36 7.98
CA GLN B 105 -1.38 -8.60 7.53
C GLN B 105 -1.65 -8.56 6.03
N GLN B 106 -2.25 -7.46 5.56
CA GLN B 106 -2.55 -7.28 4.14
C GLN B 106 -1.28 -7.36 3.27
N ALA B 107 -0.15 -6.93 3.83
CA ALA B 107 1.08 -6.98 3.12
C ALA B 107 1.36 -8.41 2.73
N ASN B 108 1.02 -9.33 3.63
CA ASN B 108 1.22 -10.73 3.34
C ASN B 108 0.32 -11.18 2.22
N HIS B 109 -0.97 -10.99 2.44
CA HIS B 109 -1.98 -11.21 1.41
C HIS B 109 -1.51 -10.76 0.01
N LEU B 110 -0.96 -9.56 -0.05
CA LEU B 110 -0.57 -8.89 -1.29
C LEU B 110 0.63 -9.50 -1.97
N ILE B 111 1.63 -9.88 -1.19
CA ILE B 111 2.76 -10.62 -1.75
C ILE B 111 2.27 -11.95 -2.37
N ALA B 112 1.39 -12.64 -1.62
CA ALA B 112 0.81 -13.89 -2.09
C ALA B 112 0.07 -13.75 -3.44
N GLY B 113 -0.61 -12.64 -3.64
CA GLY B 113 -1.26 -12.39 -4.95
C GLY B 113 -0.26 -12.23 -6.09
N LEU B 114 0.84 -11.53 -5.84
CA LEU B 114 1.83 -11.22 -6.86
C LEU B 114 2.56 -12.47 -7.30
N ILE B 115 2.72 -13.39 -6.34
CA ILE B 115 3.19 -14.73 -6.63
C ILE B 115 2.12 -15.47 -7.44
N ALA B 116 0.91 -15.64 -6.88
CA ALA B 116 -0.23 -16.29 -7.59
C ALA B 116 -0.41 -15.78 -9.02
N ALA B 117 -0.35 -14.46 -9.21
CA ALA B 117 -0.34 -13.89 -10.54
C ALA B 117 0.89 -14.28 -11.44
N GLY B 118 1.97 -14.82 -10.89
CA GLY B 118 3.15 -15.10 -11.69
C GLY B 118 3.95 -13.82 -11.90
N ALA B 119 3.55 -12.72 -11.28
CA ALA B 119 4.37 -11.51 -11.21
C ALA B 119 5.74 -11.75 -10.55
N ILE B 120 5.80 -12.48 -9.45
CA ILE B 120 7.08 -12.69 -8.81
C ILE B 120 7.16 -14.12 -8.31
N ASP B 121 8.40 -14.62 -8.22
CA ASP B 121 8.72 -15.94 -7.65
C ASP B 121 9.15 -15.85 -6.21
N VAL B 122 9.69 -14.69 -5.82
CA VAL B 122 10.21 -14.46 -4.45
C VAL B 122 9.86 -13.05 -3.98
N GLY B 123 9.15 -12.97 -2.85
CA GLY B 123 8.87 -11.69 -2.23
C GLY B 123 8.86 -11.66 -0.71
N ILE B 124 8.94 -10.43 -0.15
CA ILE B 124 8.88 -10.19 1.29
C ILE B 124 7.70 -9.32 1.70
N ALA B 125 6.89 -9.85 2.61
CA ALA B 125 5.88 -9.06 3.27
C ALA B 125 6.42 -8.74 4.63
N CYS B 126 6.37 -7.48 5.03
CA CYS B 126 6.89 -7.12 6.35
C CYS B 126 6.01 -6.07 6.98
N GLY B 127 6.35 -5.65 8.18
CA GLY B 127 5.64 -4.53 8.80
C GLY B 127 6.48 -3.81 9.82
N ILE B 128 6.26 -2.51 9.97
CA ILE B 128 7.04 -1.73 10.89
C ILE B 128 6.16 -0.72 11.62
N GLU B 129 6.49 -0.47 12.87
CA GLU B 129 5.99 0.74 13.55
C GLU B 129 6.97 1.09 14.64
N ALA B 130 7.47 2.31 14.57
CA ALA B 130 8.33 2.87 15.61
C ALA B 130 7.56 3.96 16.35
N MET B 131 6.61 3.58 17.19
CA MET B 131 5.75 4.61 17.77
C MET B 131 6.49 5.54 18.74
N SER B 132 7.68 5.12 19.16
CA SER B 132 8.56 5.95 19.95
C SER B 132 8.90 7.15 19.11
N ARG B 133 9.11 6.89 17.83
CA ARG B 133 9.65 7.90 16.94
C ARG B 133 8.63 8.66 16.14
N VAL B 134 7.56 7.96 15.75
CA VAL B 134 6.49 8.58 15.01
C VAL B 134 5.20 8.06 15.66
N GLY B 135 4.40 8.97 16.23
CA GLY B 135 3.19 8.57 16.97
C GLY B 135 1.87 8.72 16.23
N LEU B 136 0.87 7.97 16.68
CA LEU B 136 -0.48 8.09 16.07
C LEU B 136 -0.81 9.58 15.85
N GLY B 137 -1.34 9.91 14.69
CA GLY B 137 -1.78 11.28 14.43
C GLY B 137 -0.75 12.21 13.81
N ALA B 138 0.52 11.80 13.78
CA ALA B 138 1.59 12.67 13.26
C ALA B 138 1.51 12.92 11.74
N ASN B 139 0.59 12.21 11.07
CA ASN B 139 0.37 12.25 9.60
C ASN B 139 -0.82 13.11 9.15
N ALA B 140 -1.63 13.52 10.11
CA ALA B 140 -2.55 14.62 9.95
C ALA B 140 -1.98 15.80 10.73
N GLY B 141 -2.60 16.97 10.60
CA GLY B 141 -2.18 18.18 11.33
C GLY B 141 -3.03 18.56 12.55
N PRO B 142 -2.93 19.82 13.03
CA PRO B 142 -3.69 20.35 14.19
C PRO B 142 -5.20 20.00 14.22
N ASP B 143 -6.04 20.69 13.43
CA ASP B 143 -7.49 20.41 13.43
C ASP B 143 -7.77 19.02 12.84
N ARG B 144 -7.87 18.02 13.71
CA ARG B 144 -7.83 16.61 13.32
C ARG B 144 -9.07 16.09 12.58
N SER B 145 -10.05 16.97 12.33
CA SER B 145 -11.22 16.60 11.51
C SER B 145 -11.40 17.49 10.27
N LEU B 146 -10.26 17.95 9.74
CA LEU B 146 -10.15 18.56 8.41
C LEU B 146 -9.61 17.53 7.38
N ILE B 147 -9.56 16.27 7.82
CA ILE B 147 -9.09 15.12 7.02
C ILE B 147 -10.22 14.32 6.34
N ARG B 148 -11.45 14.85 6.42
CA ARG B 148 -12.68 14.11 6.02
C ARG B 148 -13.50 14.71 4.83
N ALA B 149 -13.76 16.02 4.89
CA ALA B 149 -14.73 16.73 4.04
C ALA B 149 -15.96 17.02 4.88
N GLN B 150 -16.56 18.20 4.70
CA GLN B 150 -17.75 18.57 5.48
C GLN B 150 -19.04 17.98 4.90
N SER B 151 -18.99 16.70 4.54
CA SER B 151 -20.15 15.91 4.12
C SER B 151 -20.13 14.51 4.78
N TRP B 152 -19.27 14.35 5.79
CA TRP B 152 -19.15 13.11 6.54
C TRP B 152 -20.45 12.82 7.32
N ASP B 153 -21.24 11.84 6.85
CA ASP B 153 -22.54 11.47 7.43
C ASP B 153 -22.50 10.30 8.43
N ILE B 154 -21.35 9.63 8.48
CA ILE B 154 -21.18 8.36 9.22
C ILE B 154 -20.69 8.57 10.64
N ASP B 155 -21.23 7.77 11.56
CA ASP B 155 -20.83 7.82 12.95
C ASP B 155 -19.66 6.87 13.19
N LEU B 156 -18.44 7.40 12.99
CA LEU B 156 -17.19 6.62 13.19
C LEU B 156 -16.33 7.15 14.38
N PRO B 157 -16.46 6.53 15.59
CA PRO B 157 -15.85 6.99 16.83
C PRO B 157 -14.32 6.77 16.88
N ASN B 158 -13.65 7.42 17.84
CA ASN B 158 -12.24 7.15 18.09
C ASN B 158 -12.10 5.78 18.79
N GLN B 159 -10.90 5.21 18.72
CA GLN B 159 -10.71 3.78 19.08
C GLN B 159 -11.15 3.42 20.51
N PHE B 160 -10.90 4.31 21.46
CA PHE B 160 -11.27 4.14 22.87
C PHE B 160 -12.77 4.07 23.09
N GLU B 161 -13.44 5.13 22.63
CA GLU B 161 -14.89 5.19 22.51
C GLU B 161 -15.53 3.92 21.90
N ALA B 162 -14.92 3.42 20.82
CA ALA B 162 -15.36 2.25 20.11
C ALA B 162 -15.32 1.02 20.99
N ALA B 163 -14.20 0.84 21.72
CA ALA B 163 -14.00 -0.32 22.63
C ALA B 163 -15.06 -0.37 23.72
N GLU B 164 -15.57 0.81 24.09
CA GLU B 164 -16.60 0.96 25.12
C GLU B 164 -18.02 0.70 24.53
N ARG B 165 -18.21 1.08 23.28
CA ARG B 165 -19.46 0.80 22.60
C ARG B 165 -19.61 -0.71 22.43
N ILE B 166 -18.55 -1.38 21.97
CA ILE B 166 -18.57 -2.84 21.80
C ILE B 166 -18.87 -3.55 23.14
N ALA B 167 -18.18 -3.08 24.18
CA ALA B 167 -18.37 -3.50 25.56
C ALA B 167 -19.84 -3.45 26.03
N LYS B 168 -20.53 -2.33 25.74
CA LYS B 168 -21.97 -2.18 26.08
C LYS B 168 -22.87 -3.11 25.28
N ARG B 169 -22.60 -3.20 23.99
CA ARG B 169 -23.29 -4.11 23.09
C ARG B 169 -23.29 -5.56 23.60
N ARG B 170 -22.16 -6.02 24.15
CA ARG B 170 -22.04 -7.42 24.58
C ARG B 170 -22.26 -7.67 26.09
N GLY B 171 -22.37 -6.61 26.87
CA GLY B 171 -22.51 -6.75 28.31
C GLY B 171 -21.23 -7.18 28.96
N ILE B 172 -20.16 -6.47 28.65
CA ILE B 172 -18.83 -6.82 29.12
C ILE B 172 -18.46 -5.93 30.30
N THR B 173 -18.16 -6.51 31.46
CA THR B 173 -17.93 -5.72 32.67
C THR B 173 -16.45 -5.32 32.83
N ARG B 174 -16.21 -4.34 33.70
CA ARG B 174 -14.85 -4.01 34.16
C ARG B 174 -14.11 -5.23 34.76
N GLU B 175 -14.85 -6.21 35.28
CA GLU B 175 -14.23 -7.45 35.76
C GLU B 175 -13.69 -8.26 34.59
N ASP B 176 -14.56 -8.54 33.60
CA ASP B 176 -14.25 -9.41 32.47
C ASP B 176 -12.91 -9.05 31.76
N VAL B 177 -12.79 -7.78 31.37
CA VAL B 177 -11.63 -7.26 30.68
C VAL B 177 -10.36 -7.29 31.58
N ASP B 178 -10.53 -6.99 32.86
CA ASP B 178 -9.46 -7.17 33.86
C ASP B 178 -9.10 -8.67 34.04
N VAL B 179 -10.08 -9.57 33.96
CA VAL B 179 -9.80 -11.01 33.98
C VAL B 179 -9.02 -11.35 32.74
N PHE B 180 -9.49 -10.82 31.60
CA PHE B 180 -8.83 -11.04 30.31
C PHE B 180 -7.39 -10.53 30.20
N GLY B 181 -7.20 -9.26 30.55
CA GLY B 181 -5.88 -8.61 30.53
C GLY B 181 -4.86 -9.33 31.40
N LEU B 182 -5.28 -9.87 32.55
CA LEU B 182 -4.38 -10.66 33.41
C LEU B 182 -3.89 -11.93 32.69
N GLU B 183 -4.82 -12.68 32.08
CA GLU B 183 -4.52 -13.95 31.42
C GLU B 183 -3.55 -13.82 30.22
N SER B 184 -3.57 -12.67 29.55
CA SER B 184 -2.64 -12.39 28.46
C SER B 184 -1.20 -12.27 29.02
N GLN B 185 -1.08 -11.53 30.12
CA GLN B 185 0.19 -11.34 30.82
C GLN B 185 0.71 -12.67 31.33
N ARG B 186 -0.19 -13.48 31.88
CA ARG B 186 0.16 -14.81 32.38
CA ARG B 186 0.17 -14.80 32.38
C ARG B 186 0.62 -15.74 31.23
N ARG B 187 -0.14 -15.81 30.13
CA ARG B 187 0.26 -16.65 28.97
C ARG B 187 1.54 -16.19 28.31
N ALA B 188 1.73 -14.86 28.26
CA ALA B 188 2.90 -14.25 27.63
C ALA B 188 4.18 -14.45 28.44
N GLN B 189 4.07 -14.36 29.76
CA GLN B 189 5.20 -14.76 30.61
C GLN B 189 5.43 -16.29 30.58
N ARG B 190 4.38 -17.08 30.45
CA ARG B 190 4.61 -18.50 30.36
C ARG B 190 5.29 -18.88 29.06
N ALA B 191 4.83 -18.29 27.95
CA ALA B 191 5.45 -18.59 26.66
C ALA B 191 6.93 -18.18 26.69
N TRP B 192 7.18 -16.98 27.18
CA TRP B 192 8.55 -16.48 27.31
C TRP B 192 9.42 -17.34 28.22
N ALA B 193 8.93 -17.60 29.43
CA ALA B 193 9.73 -18.40 30.37
C ALA B 193 9.98 -19.81 29.82
N GLU B 194 9.20 -20.21 28.82
CA GLU B 194 9.40 -21.49 28.13
C GLU B 194 10.23 -21.34 26.85
N GLY B 195 10.65 -20.11 26.55
CA GLY B 195 11.34 -19.81 25.30
C GLY B 195 10.51 -20.23 24.11
N ARG B 196 9.26 -19.80 24.07
CA ARG B 196 8.43 -20.20 22.95
C ARG B 196 8.65 -19.28 21.75
N PHE B 197 9.10 -18.07 22.03
CA PHE B 197 9.36 -17.12 20.97
C PHE B 197 10.79 -17.23 20.40
N ASP B 198 11.60 -18.15 20.94
CA ASP B 198 13.01 -18.22 20.53
C ASP B 198 13.24 -18.42 19.02
N ARG B 199 12.50 -19.34 18.40
CA ARG B 199 12.70 -19.62 17.00
C ARG B 199 12.30 -18.40 16.16
N GLU B 200 11.27 -17.67 16.61
CA GLU B 200 10.67 -16.64 15.76
C GLU B 200 11.40 -15.30 15.88
N ILE B 201 11.98 -15.03 17.05
CA ILE B 201 12.69 -13.76 17.22
C ILE B 201 14.06 -13.82 16.59
N SER B 202 14.43 -12.80 15.80
CA SER B 202 15.85 -12.59 15.58
C SER B 202 16.28 -11.36 16.36
N PRO B 203 17.29 -11.54 17.23
CA PRO B 203 17.74 -10.51 18.18
C PRO B 203 18.30 -9.27 17.51
N ILE B 204 17.92 -8.09 17.98
CA ILE B 204 18.27 -6.84 17.30
C ILE B 204 19.24 -6.00 18.10
N GLN B 205 20.29 -5.55 17.43
CA GLN B 205 21.31 -4.72 18.01
C GLN B 205 20.73 -3.34 18.12
N ALA B 206 20.73 -2.78 19.33
CA ALA B 206 20.05 -1.51 19.61
C ALA B 206 20.96 -0.64 20.46
N PRO B 207 20.89 0.68 20.26
CA PRO B 207 21.63 1.58 21.14
C PRO B 207 21.00 1.62 22.53
N VAL B 208 21.82 1.66 23.58
CA VAL B 208 21.36 1.86 24.97
C VAL B 208 21.09 3.34 25.27
N LEU B 209 20.00 3.64 25.98
CA LEU B 209 19.74 5.03 26.36
C LEU B 209 19.76 5.27 27.87
N ASP B 210 19.98 6.52 28.25
CA ASP B 210 20.09 6.91 29.65
C ASP B 210 18.69 7.27 30.18
N GLU B 211 18.57 7.74 31.44
CA GLU B 211 17.25 8.10 32.02
C GLU B 211 16.52 9.22 31.27
N GLN B 212 17.25 10.09 30.57
CA GLN B 212 16.66 10.91 29.49
C GLN B 212 16.60 9.92 28.38
N ASN B 213 16.48 10.33 27.15
CA ASN B 213 16.45 9.28 26.14
C ASN B 213 17.61 9.35 25.20
N GLN B 214 18.76 9.58 25.80
CA GLN B 214 19.98 9.88 25.07
C GLN B 214 20.88 8.66 24.94
N PRO B 215 21.45 8.47 23.74
CA PRO B 215 22.29 7.29 23.54
C PRO B 215 23.56 7.40 24.36
N THR B 216 23.83 6.32 25.10
CA THR B 216 25.00 6.23 25.95
C THR B 216 26.23 6.05 25.06
N GLY B 217 26.04 5.44 23.90
CA GLY B 217 27.12 5.10 22.99
C GLY B 217 27.39 3.60 23.00
N GLU B 218 26.64 2.87 23.83
CA GLU B 218 26.71 1.42 23.84
C GLU B 218 25.57 0.83 23.01
N ARG B 219 25.92 -0.15 22.17
CA ARG B 219 24.99 -1.08 21.50
C ARG B 219 24.64 -2.21 22.47
N ARG B 220 23.50 -2.87 22.26
CA ARG B 220 23.07 -4.04 23.04
CA ARG B 220 23.22 -4.13 22.96
C ARG B 220 22.28 -5.00 22.15
N LEU B 221 22.25 -6.30 22.48
CA LEU B 221 21.30 -7.21 21.82
C LEU B 221 20.02 -7.21 22.60
N VAL B 222 18.93 -6.80 21.96
CA VAL B 222 17.62 -6.98 22.53
C VAL B 222 17.09 -8.31 22.02
N PHE B 223 16.60 -9.15 22.91
CA PHE B 223 16.02 -10.43 22.49
C PHE B 223 14.68 -10.76 23.09
N ARG B 224 14.21 -9.95 24.04
CA ARG B 224 12.94 -10.24 24.70
C ARG B 224 11.93 -9.12 24.52
N ASP B 225 10.64 -9.48 24.60
CA ASP B 225 9.55 -8.51 24.50
C ASP B 225 9.47 -7.76 25.81
N GLN B 226 9.52 -6.44 25.71
CA GLN B 226 9.65 -5.58 26.88
C GLN B 226 8.39 -5.49 27.71
N GLY B 227 7.25 -5.93 27.18
CA GLY B 227 5.98 -5.53 27.78
C GLY B 227 5.51 -6.40 28.92
N LEU B 228 6.20 -7.51 29.12
CA LEU B 228 5.85 -8.41 30.15
C LEU B 228 6.12 -7.66 31.44
N ARG B 229 5.12 -7.71 32.34
CA ARG B 229 5.10 -6.95 33.58
C ARG B 229 4.29 -7.75 34.59
N GLU B 230 4.61 -7.58 35.88
CA GLU B 230 3.84 -8.27 36.91
C GLU B 230 2.47 -7.68 37.16
N THR B 231 1.47 -8.54 37.11
CA THR B 231 0.09 -8.12 37.09
C THR B 231 -0.71 -9.01 38.04
N THR B 232 -1.67 -8.40 38.72
CA THR B 232 -2.55 -9.11 39.64
C THR B 232 -3.94 -8.53 39.47
N MET B 233 -4.99 -9.29 39.80
CA MET B 233 -6.38 -8.74 39.75
C MET B 233 -6.56 -7.46 40.58
N ALA B 234 -5.96 -7.42 41.76
CA ALA B 234 -5.94 -6.25 42.63
C ALA B 234 -5.41 -5.02 41.86
N GLY B 235 -4.12 -5.08 41.48
CA GLY B 235 -3.44 -4.05 40.70
C GLY B 235 -4.26 -3.59 39.50
N LEU B 236 -4.85 -4.53 38.76
CA LEU B 236 -5.68 -4.18 37.60
C LEU B 236 -6.88 -3.34 37.99
N GLY B 237 -7.47 -3.68 39.12
CA GLY B 237 -8.67 -2.99 39.62
C GLY B 237 -8.44 -1.58 40.17
N GLU B 238 -7.18 -1.19 40.41
CA GLU B 238 -6.91 0.16 40.94
C GLU B 238 -6.58 1.16 39.83
N LEU B 239 -6.48 0.68 38.60
CA LEU B 239 -6.06 1.52 37.45
C LEU B 239 -7.22 2.39 37.01
N LYS B 240 -6.92 3.60 36.51
CA LYS B 240 -7.99 4.54 36.12
C LYS B 240 -8.37 4.40 34.64
N PRO B 241 -9.67 4.23 34.34
CA PRO B 241 -10.14 4.12 32.97
C PRO B 241 -9.56 5.19 32.03
N VAL B 242 -9.31 4.79 30.79
CA VAL B 242 -8.76 5.70 29.84
C VAL B 242 -9.78 6.80 29.64
N LEU B 243 -11.05 6.40 29.61
CA LEU B 243 -12.18 7.32 29.46
C LEU B 243 -13.07 7.29 30.69
N GLU B 244 -13.61 8.46 31.04
CA GLU B 244 -14.59 8.57 32.14
C GLU B 244 -15.79 7.68 31.89
N GLY B 245 -16.09 6.82 32.86
CA GLY B 245 -17.21 5.89 32.76
C GLY B 245 -16.86 4.64 31.97
N GLY B 246 -15.67 4.65 31.37
CA GLY B 246 -15.18 3.52 30.59
C GLY B 246 -14.73 2.37 31.46
N ILE B 247 -14.62 1.18 30.87
CA ILE B 247 -14.14 -0.01 31.61
C ILE B 247 -12.67 -0.32 31.27
N HIS B 248 -12.21 0.16 30.12
CA HIS B 248 -10.84 -0.18 29.72
C HIS B 248 -9.80 0.73 30.36
N THR B 249 -8.76 0.12 30.94
CA THR B 249 -7.62 0.85 31.53
C THR B 249 -6.38 0.52 30.72
N ALA B 250 -5.21 1.04 31.13
CA ALA B 250 -3.92 0.71 30.44
C ALA B 250 -3.58 -0.79 30.56
N GLY B 251 -4.15 -1.44 31.58
CA GLY B 251 -4.03 -2.91 31.79
C GLY B 251 -4.87 -3.87 30.93
N THR B 252 -5.88 -3.35 30.25
CA THR B 252 -6.77 -4.18 29.45
C THR B 252 -6.84 -3.71 27.98
N SER B 253 -5.88 -2.87 27.60
CA SER B 253 -5.68 -2.46 26.19
C SER B 253 -4.21 -2.60 25.74
N SER B 254 -3.94 -2.65 24.45
CA SER B 254 -2.58 -2.87 23.94
C SER B 254 -1.63 -1.72 24.32
N GLN B 255 -0.33 -1.97 24.17
CA GLN B 255 0.66 -0.99 24.52
C GLN B 255 1.29 -0.43 23.27
N ILE B 256 1.42 0.89 23.24
CA ILE B 256 2.20 1.63 22.25
C ILE B 256 3.62 1.07 22.31
N SER B 257 4.09 0.58 21.16
CA SER B 257 5.31 -0.18 21.05
C SER B 257 6.20 0.24 19.86
N ASP B 258 7.42 -0.29 19.86
CA ASP B 258 8.23 -0.40 18.66
C ASP B 258 8.45 -1.87 18.32
N GLY B 259 8.40 -2.17 17.02
CA GLY B 259 8.81 -3.49 16.52
C GLY B 259 8.72 -3.65 15.01
N ALA B 260 9.29 -4.74 14.50
CA ALA B 260 8.99 -5.09 13.13
C ALA B 260 8.98 -6.58 12.94
N ALA B 261 8.29 -7.03 11.90
CA ALA B 261 8.30 -8.42 11.55
C ALA B 261 8.45 -8.50 10.04
N ALA B 262 8.95 -9.62 9.53
CA ALA B 262 8.89 -9.93 8.06
C ALA B 262 8.82 -11.42 7.73
N VAL B 263 8.11 -11.73 6.66
CA VAL B 263 7.85 -13.10 6.19
C VAL B 263 8.35 -13.21 4.79
N LEU B 264 9.12 -14.25 4.51
CA LEU B 264 9.62 -14.46 3.18
C LEU B 264 8.71 -15.47 2.46
N TRP B 265 8.22 -15.06 1.28
CA TRP B 265 7.35 -15.88 0.40
C TRP B 265 8.03 -16.26 -0.90
N MET B 266 7.65 -17.42 -1.39
CA MET B 266 8.15 -17.97 -2.63
C MET B 266 7.08 -18.81 -3.32
N ASP B 267 7.22 -18.94 -4.62
CA ASP B 267 6.46 -19.93 -5.32
C ASP B 267 6.91 -21.27 -4.77
N GLU B 268 6.04 -22.28 -4.77
CA GLU B 268 6.40 -23.59 -4.22
C GLU B 268 7.43 -24.30 -5.05
N ALA B 269 7.19 -24.39 -6.36
CA ALA B 269 8.19 -24.85 -7.32
C ALA B 269 9.56 -24.20 -7.08
N VAL B 270 9.67 -22.85 -7.15
CA VAL B 270 10.95 -22.16 -6.93
CA VAL B 270 10.96 -22.18 -6.94
C VAL B 270 11.56 -22.48 -5.56
N ALA B 271 10.71 -22.73 -4.56
CA ALA B 271 11.19 -23.02 -3.20
C ALA B 271 11.97 -24.33 -3.08
N ARG B 272 11.32 -25.42 -3.48
CA ARG B 272 11.92 -26.73 -3.59
C ARG B 272 13.12 -26.71 -4.56
N ALA B 273 13.02 -25.95 -5.65
CA ALA B 273 14.15 -25.77 -6.57
C ALA B 273 15.40 -25.14 -5.95
N HIS B 274 15.21 -24.39 -4.86
CA HIS B 274 16.31 -23.63 -4.29
C HIS B 274 16.58 -24.13 -2.91
N GLY B 275 16.01 -25.30 -2.62
CA GLY B 275 16.36 -26.03 -1.43
C GLY B 275 15.52 -25.82 -0.18
N LEU B 276 14.49 -24.98 -0.26
CA LEU B 276 13.78 -24.63 0.94
C LEU B 276 12.44 -25.30 1.10
N THR B 277 12.30 -25.95 2.24
CA THR B 277 11.05 -26.42 2.78
C THR B 277 10.03 -25.30 2.82
N PRO B 278 8.89 -25.49 2.14
CA PRO B 278 7.70 -24.67 2.39
C PRO B 278 7.24 -24.89 3.83
N ARG B 279 6.88 -23.82 4.53
CA ARG B 279 6.48 -23.92 5.93
CA ARG B 279 6.48 -23.93 5.92
C ARG B 279 4.94 -23.88 6.08
N ALA B 280 4.25 -23.05 5.25
CA ALA B 280 2.74 -22.83 5.25
C ALA B 280 2.09 -22.20 3.98
N ARG B 281 0.77 -22.30 3.84
CA ARG B 281 0.00 -21.64 2.78
C ARG B 281 -1.16 -20.84 3.35
N ILE B 282 -1.59 -19.85 2.59
CA ILE B 282 -2.90 -19.29 2.84
C ILE B 282 -3.99 -20.22 2.31
N VAL B 283 -4.91 -20.57 3.19
CA VAL B 283 -6.13 -21.22 2.79
C VAL B 283 -7.14 -20.15 2.33
N ALA B 284 -7.35 -19.10 3.14
CA ALA B 284 -8.30 -18.03 2.81
C ALA B 284 -7.80 -16.68 3.34
N GLN B 285 -8.08 -15.62 2.58
CA GLN B 285 -7.70 -14.24 2.97
C GLN B 285 -8.85 -13.24 2.71
N ALA B 286 -8.93 -12.23 3.55
CA ALA B 286 -9.92 -11.16 3.40
C ALA B 286 -9.45 -9.88 4.03
N LEU B 287 -9.80 -8.79 3.35
CA LEU B 287 -9.90 -7.51 4.01
C LEU B 287 -11.32 -7.07 3.74
N VAL B 288 -12.05 -6.77 4.81
CA VAL B 288 -13.47 -6.45 4.71
C VAL B 288 -13.80 -5.20 5.53
N GLY B 289 -15.00 -4.67 5.33
CA GLY B 289 -15.45 -3.50 6.07
C GLY B 289 -16.18 -3.87 7.34
N ALA B 290 -16.21 -2.95 8.29
CA ALA B 290 -16.87 -3.21 9.58
C ALA B 290 -18.04 -2.25 9.76
N GLU B 291 -18.84 -2.47 10.81
CA GLU B 291 -19.87 -1.52 11.22
C GLU B 291 -19.16 -0.30 11.78
N PRO B 292 -19.30 0.86 11.13
CA PRO B 292 -18.51 2.03 11.52
C PRO B 292 -18.84 2.56 12.92
N TYR B 293 -20.08 2.34 13.37
CA TYR B 293 -20.56 2.82 14.68
C TYR B 293 -19.75 2.18 15.78
N TYR B 294 -19.58 0.87 15.66
CA TYR B 294 -18.70 0.10 16.53
C TYR B 294 -17.21 0.18 16.09
N HIS B 295 -16.93 0.34 14.80
CA HIS B 295 -15.58 0.66 14.31
C HIS B 295 -14.60 -0.54 14.33
N LEU B 296 -14.51 -1.17 15.51
CA LEU B 296 -13.51 -2.17 15.80
C LEU B 296 -14.13 -3.52 16.16
N ASP B 297 -15.28 -3.84 15.57
CA ASP B 297 -15.83 -5.18 15.75
C ASP B 297 -15.59 -6.02 14.49
N GLY B 298 -14.92 -5.42 13.51
CA GLY B 298 -14.52 -6.10 12.30
C GLY B 298 -14.05 -7.55 12.42
N PRO B 299 -13.49 -7.92 13.57
CA PRO B 299 -12.99 -9.29 13.45
C PRO B 299 -14.12 -10.30 13.20
N VAL B 300 -15.28 -10.03 13.80
CA VAL B 300 -16.47 -10.81 13.56
C VAL B 300 -16.76 -11.06 12.07
N GLN B 301 -16.69 -10.02 11.26
CA GLN B 301 -16.94 -10.20 9.82
C GLN B 301 -15.78 -10.92 9.07
N SER B 302 -14.54 -10.54 9.36
CA SER B 302 -13.40 -11.08 8.61
C SER B 302 -13.25 -12.58 8.94
N THR B 303 -13.46 -12.93 10.22
CA THR B 303 -13.47 -14.32 10.64
C THR B 303 -14.56 -15.07 9.89
N ALA B 304 -15.77 -14.51 9.84
CA ALA B 304 -16.84 -15.07 9.01
C ALA B 304 -16.43 -15.19 7.52
N LYS B 305 -15.90 -14.12 6.93
CA LYS B 305 -15.55 -14.20 5.52
C LYS B 305 -14.53 -15.32 5.23
N VAL B 306 -13.48 -15.44 6.06
CA VAL B 306 -12.38 -16.36 5.69
C VAL B 306 -12.78 -17.77 5.97
N LEU B 307 -13.54 -17.96 7.06
CA LEU B 307 -14.17 -19.25 7.41
C LEU B 307 -15.01 -19.78 6.25
N GLU B 308 -15.76 -18.89 5.60
CA GLU B 308 -16.55 -19.30 4.45
C GLU B 308 -15.69 -19.55 3.23
N LYS B 309 -14.79 -18.63 2.89
CA LYS B 309 -13.88 -18.85 1.76
CA LYS B 309 -13.91 -18.86 1.74
C LYS B 309 -13.26 -20.26 1.83
N ALA B 310 -12.84 -20.65 3.03
CA ALA B 310 -12.19 -21.94 3.32
C ALA B 310 -13.08 -23.20 3.35
N GLY B 311 -14.39 -23.02 3.60
CA GLY B 311 -15.28 -24.15 3.87
C GLY B 311 -15.33 -24.70 5.30
N MET B 312 -14.73 -24.02 6.28
CA MET B 312 -14.65 -24.54 7.67
C MET B 312 -15.51 -23.81 8.71
N LYS B 313 -15.51 -24.32 9.92
CA LYS B 313 -16.13 -23.71 11.08
C LYS B 313 -14.99 -23.32 12.01
N ILE B 314 -15.25 -22.40 12.94
CA ILE B 314 -14.25 -22.08 13.96
C ILE B 314 -13.62 -23.32 14.56
N GLY B 315 -14.41 -24.38 14.69
CA GLY B 315 -13.95 -25.60 15.36
C GLY B 315 -12.84 -26.35 14.65
N ASP B 316 -12.66 -26.13 13.35
CA ASP B 316 -11.56 -26.74 12.59
C ASP B 316 -10.18 -26.13 12.86
N ILE B 317 -10.16 -24.94 13.48
CA ILE B 317 -8.92 -24.17 13.60
C ILE B 317 -8.16 -24.57 14.85
N ASP B 318 -6.88 -24.90 14.70
CA ASP B 318 -6.07 -25.32 15.84
C ASP B 318 -5.75 -24.14 16.80
N ILE B 319 -5.30 -23.02 16.26
CA ILE B 319 -5.07 -21.86 17.11
C ILE B 319 -5.53 -20.57 16.41
N VAL B 320 -5.87 -19.56 17.23
CA VAL B 320 -6.21 -18.23 16.74
C VAL B 320 -5.27 -17.15 17.30
N GLU B 321 -4.93 -16.20 16.44
CA GLU B 321 -4.33 -14.95 16.86
C GLU B 321 -5.31 -13.86 16.47
N ILE B 322 -5.96 -13.30 17.49
CA ILE B 322 -6.80 -12.11 17.30
C ILE B 322 -6.15 -10.97 18.09
N ASN B 323 -5.98 -9.83 17.45
CA ASN B 323 -5.24 -8.76 18.10
C ASN B 323 -5.98 -8.12 19.28
N GLU B 324 -5.28 -8.03 20.41
CA GLU B 324 -5.84 -7.45 21.62
C GLU B 324 -5.63 -5.95 21.63
N ALA B 325 -6.20 -5.26 20.65
CA ALA B 325 -6.31 -3.80 20.71
C ALA B 325 -7.00 -3.40 22.00
N PHE B 326 -8.13 -4.05 22.29
CA PHE B 326 -8.87 -3.84 23.56
C PHE B 326 -9.46 -5.15 24.01
N ALA B 327 -9.49 -5.38 25.32
CA ALA B 327 -10.08 -6.61 25.85
C ALA B 327 -11.46 -6.90 25.24
N SER B 328 -12.26 -5.86 25.06
CA SER B 328 -13.64 -6.10 24.61
C SER B 328 -13.74 -6.55 23.15
N VAL B 329 -12.90 -5.99 22.29
CA VAL B 329 -12.78 -6.49 20.94
C VAL B 329 -12.67 -8.03 20.90
N VAL B 330 -11.84 -8.62 21.77
CA VAL B 330 -11.66 -10.08 21.77
C VAL B 330 -12.87 -10.77 22.35
N LEU B 331 -13.39 -10.26 23.46
CA LEU B 331 -14.55 -10.89 24.11
C LEU B 331 -15.82 -10.82 23.27
N SER B 332 -16.06 -9.68 22.61
CA SER B 332 -17.14 -9.51 21.61
C SER B 332 -17.02 -10.56 20.50
N TRP B 333 -15.81 -10.71 19.97
CA TRP B 333 -15.55 -11.72 18.96
C TRP B 333 -15.77 -13.17 19.45
N ALA B 334 -15.36 -13.45 20.68
CA ALA B 334 -15.57 -14.78 21.27
C ALA B 334 -17.04 -15.04 21.54
N ARG B 335 -17.75 -14.02 22.04
CA ARG B 335 -19.18 -14.14 22.34
CA ARG B 335 -19.20 -14.08 22.33
C ARG B 335 -20.04 -14.37 21.08
N VAL B 336 -19.55 -13.91 19.92
CA VAL B 336 -20.19 -14.18 18.63
C VAL B 336 -19.74 -15.51 17.97
N HIS B 337 -18.44 -15.82 17.98
CA HIS B 337 -17.94 -17.05 17.32
C HIS B 337 -17.78 -18.27 18.22
N GLU B 338 -17.85 -18.06 19.53
CA GLU B 338 -17.80 -19.15 20.52
C GLU B 338 -16.60 -20.12 20.33
N PRO B 339 -15.37 -19.59 20.41
CA PRO B 339 -14.23 -20.50 20.30
C PRO B 339 -13.82 -21.10 21.64
N ASP B 340 -12.99 -22.12 21.59
CA ASP B 340 -12.26 -22.64 22.73
C ASP B 340 -11.16 -21.64 23.06
N MET B 341 -11.33 -20.91 24.18
CA MET B 341 -10.47 -19.77 24.50
C MET B 341 -9.04 -20.16 24.93
N ASP B 342 -8.85 -21.45 25.24
CA ASP B 342 -7.51 -21.95 25.54
C ASP B 342 -6.66 -22.05 24.26
N ARG B 343 -7.34 -21.95 23.12
CA ARG B 343 -6.69 -22.00 21.81
C ARG B 343 -6.59 -20.61 21.19
N VAL B 344 -6.95 -19.58 21.95
CA VAL B 344 -6.89 -18.21 21.48
C VAL B 344 -5.80 -17.38 22.18
N ASN B 345 -4.90 -16.79 21.36
CA ASN B 345 -3.75 -16.02 21.85
C ASN B 345 -3.00 -16.83 22.88
N VAL B 346 -2.56 -18.03 22.45
CA VAL B 346 -2.12 -19.08 23.39
C VAL B 346 -0.77 -18.71 24.01
N ASN B 347 -0.13 -17.73 23.42
CA ASN B 347 1.12 -17.25 23.97
C ASN B 347 0.99 -15.81 24.45
N GLY B 348 -0.23 -15.29 24.50
CA GLY B 348 -0.46 -13.92 24.96
C GLY B 348 -0.66 -13.01 23.77
N GLY B 349 -1.28 -11.87 23.98
CA GLY B 349 -1.57 -10.98 22.89
C GLY B 349 -0.98 -9.62 23.19
N ALA B 350 -1.48 -8.61 22.49
CA ALA B 350 -0.87 -7.27 22.45
C ALA B 350 -0.96 -6.51 23.72
N ILE B 351 -1.93 -6.83 24.59
CA ILE B 351 -1.98 -6.31 25.94
C ILE B 351 -0.63 -6.60 26.65
N ALA B 352 -0.14 -7.83 26.50
CA ALA B 352 1.07 -8.22 27.21
C ALA B 352 2.30 -8.02 26.35
N LEU B 353 2.22 -8.39 25.08
CA LEU B 353 3.37 -8.33 24.19
C LEU B 353 3.60 -6.97 23.48
N GLY B 354 2.56 -6.13 23.43
CA GLY B 354 2.69 -4.81 22.84
C GLY B 354 2.14 -4.81 21.43
N HIS B 355 1.95 -3.63 20.87
CA HIS B 355 1.29 -3.51 19.59
C HIS B 355 1.93 -2.48 18.68
N PRO B 356 3.05 -2.84 18.04
CA PRO B 356 3.63 -1.88 17.08
C PRO B 356 2.80 -1.96 15.79
N VAL B 357 1.89 -0.99 15.62
CA VAL B 357 0.67 -1.16 14.78
C VAL B 357 0.91 -1.79 13.40
N GLY B 358 1.65 -1.10 12.54
CA GLY B 358 1.90 -1.64 11.21
C GLY B 358 2.61 -2.97 11.14
N CYS B 359 3.12 -3.44 12.28
CA CYS B 359 3.97 -4.60 12.26
C CYS B 359 3.12 -5.74 12.74
N THR B 360 2.23 -5.45 13.68
CA THR B 360 1.45 -6.52 14.28
C THR B 360 0.89 -7.54 13.30
N GLY B 361 0.36 -7.12 12.17
CA GLY B 361 -0.12 -8.08 11.17
C GLY B 361 0.85 -9.19 10.77
N SER B 362 2.09 -8.81 10.48
CA SER B 362 3.08 -9.82 10.12
C SER B 362 3.53 -10.46 11.37
N ARG B 363 3.46 -9.70 12.45
CA ARG B 363 3.88 -10.30 13.70
C ARG B 363 2.94 -11.48 14.05
N LEU B 364 1.64 -11.29 13.82
CA LEU B 364 0.62 -12.29 14.21
C LEU B 364 0.76 -13.53 13.37
N ILE B 365 1.21 -13.36 12.14
CA ILE B 365 1.34 -14.48 11.23
C ILE B 365 2.57 -15.28 11.57
N THR B 366 3.58 -14.58 12.05
CA THR B 366 4.87 -15.20 12.38
C THR B 366 4.73 -16.01 13.67
N THR B 367 4.18 -15.37 14.69
CA THR B 367 3.78 -16.03 15.91
C THR B 367 2.87 -17.21 15.62
N ALA B 368 1.80 -17.00 14.84
CA ALA B 368 0.85 -18.09 14.64
C ALA B 368 1.55 -19.29 14.01
N LEU B 369 2.33 -19.05 12.95
CA LEU B 369 3.07 -20.11 12.27
C LEU B 369 3.87 -20.85 13.28
N HIS B 370 4.70 -20.11 14.00
CA HIS B 370 5.60 -20.75 14.94
C HIS B 370 4.97 -21.69 16.00
N GLU B 371 3.79 -21.34 16.52
CA GLU B 371 3.03 -22.22 17.43
C GLU B 371 2.51 -23.52 16.78
N LEU B 372 2.01 -23.44 15.54
CA LEU B 372 1.63 -24.64 14.78
C LEU B 372 2.82 -25.59 14.67
N GLU B 373 3.96 -25.03 14.29
CA GLU B 373 5.15 -25.79 14.06
C GLU B 373 5.62 -26.36 15.39
N ARG B 374 5.54 -25.56 16.46
CA ARG B 374 5.97 -26.06 17.77
C ARG B 374 5.02 -27.09 18.37
N THR B 375 3.85 -27.29 17.75
CA THR B 375 2.87 -28.19 18.33
C THR B 375 2.41 -29.21 17.32
N ASP B 376 3.03 -29.20 16.15
CA ASP B 376 2.62 -30.05 15.05
C ASP B 376 1.10 -30.11 14.96
N GLN B 377 0.44 -28.96 14.97
CA GLN B 377 -0.98 -28.85 14.57
C GLN B 377 -1.06 -28.18 13.16
N SER B 378 -2.28 -28.07 12.61
N SER B 378 -2.28 -28.05 12.62
CA SER B 378 -2.43 -27.73 11.19
CA SER B 378 -2.41 -27.74 11.19
C SER B 378 -2.90 -26.32 10.83
C SER B 378 -2.99 -26.39 10.75
N LEU B 379 -3.96 -25.86 11.48
CA LEU B 379 -4.67 -24.64 11.02
C LEU B 379 -4.58 -23.42 11.96
N ALA B 380 -4.32 -22.23 11.40
CA ALA B 380 -4.40 -21.00 12.20
C ALA B 380 -5.20 -19.91 11.55
N LEU B 381 -5.99 -19.23 12.39
CA LEU B 381 -6.71 -18.02 12.02
C LEU B 381 -6.07 -16.77 12.63
N ILE B 382 -5.81 -15.82 11.75
CA ILE B 382 -5.33 -14.54 12.16
C ILE B 382 -6.36 -13.52 11.73
N THR B 383 -6.82 -12.74 12.68
CA THR B 383 -7.81 -11.71 12.43
C THR B 383 -7.51 -10.45 13.28
N MET B 384 -7.76 -9.28 12.71
CA MET B 384 -7.48 -8.00 13.39
C MET B 384 -8.46 -6.91 13.01
N CYS B 385 -8.89 -6.14 14.01
CA CYS B 385 -9.65 -4.93 13.79
C CYS B 385 -8.69 -3.88 13.29
N ALA B 386 -9.19 -2.96 12.46
CA ALA B 386 -8.43 -1.81 11.94
C ALA B 386 -9.25 -0.49 11.85
N GLY B 387 -8.53 0.62 12.08
CA GLY B 387 -9.05 2.00 11.96
C GLY B 387 -9.63 2.17 10.57
N GLY B 388 -10.68 2.98 10.46
CA GLY B 388 -11.42 3.09 9.19
C GLY B 388 -12.47 1.99 9.10
N ALA B 389 -12.61 1.21 10.18
CA ALA B 389 -13.67 0.19 10.27
C ALA B 389 -13.41 -0.85 9.19
N LEU B 390 -12.35 -1.62 9.45
CA LEU B 390 -11.84 -2.59 8.51
C LEU B 390 -11.40 -3.84 9.28
N SER B 391 -11.10 -4.93 8.61
CA SER B 391 -10.61 -6.03 9.37
C SER B 391 -10.06 -6.99 8.44
N THR B 392 -8.84 -7.42 8.74
CA THR B 392 -8.17 -8.44 7.95
C THR B 392 -8.36 -9.80 8.61
N GLY B 393 -8.60 -10.80 7.79
CA GLY B 393 -8.61 -12.20 8.24
C GLY B 393 -7.66 -13.01 7.37
N THR B 394 -6.98 -14.00 7.95
CA THR B 394 -6.19 -14.95 7.16
C THR B 394 -6.33 -16.29 7.82
N ILE B 395 -6.60 -17.32 7.01
CA ILE B 395 -6.42 -18.69 7.51
C ILE B 395 -5.21 -19.32 6.85
N ILE B 396 -4.20 -19.60 7.68
CA ILE B 396 -3.04 -20.29 7.19
C ILE B 396 -3.05 -21.75 7.58
N GLU B 397 -2.36 -22.55 6.76
CA GLU B 397 -2.22 -23.98 6.99
C GLU B 397 -0.80 -24.43 6.84
N ARG B 398 -0.33 -25.19 7.82
CA ARG B 398 1.00 -25.78 7.77
C ARG B 398 1.10 -26.82 6.65
N ILE B 399 2.21 -26.75 5.88
CA ILE B 399 2.32 -27.45 4.61
C ILE B 399 3.71 -28.01 4.44
C1 GOL C . -4.16 18.59 5.11
O1 GOL C . -5.09 18.87 6.18
C2 GOL C . -3.75 19.87 4.33
O2 GOL C . -3.93 19.65 2.93
C3 GOL C . -2.30 20.37 4.67
O3 GOL C . -1.28 19.97 3.71
C1 GOL D . 14.80 10.41 -29.41
O1 GOL D . 13.48 9.89 -29.57
C2 GOL D . 15.68 9.37 -28.70
O2 GOL D . 16.40 9.97 -27.62
C3 GOL D . 16.65 8.70 -29.70
O3 GOL D . 16.14 7.43 -30.10
C1 GOL E . -19.26 13.53 -10.54
O1 GOL E . -18.95 14.13 -9.25
C2 GOL E . -20.43 14.29 -11.20
O2 GOL E . -21.48 14.48 -10.23
C3 GOL E . -20.98 13.55 -12.45
O3 GOL E . -21.89 14.40 -13.18
C1 GOL F . 26.80 3.75 -17.36
O1 GOL F . 26.93 4.68 -16.27
C2 GOL F . 26.41 4.41 -18.71
O2 GOL F . 26.18 5.79 -18.51
C3 GOL F . 25.11 3.82 -19.24
O3 GOL F . 25.18 3.56 -20.64
S DMS G . 7.09 12.49 -28.24
O DMS G . 6.81 12.27 -29.74
C1 DMS G . 6.18 14.09 -27.57
C2 DMS G . 6.01 11.21 -27.23
S DMS H . 11.32 12.88 -30.14
O DMS H . 10.07 13.74 -30.37
C1 DMS H . 11.94 12.19 -31.87
C2 DMS H . 12.79 14.11 -29.75
S DMS I . -13.72 22.88 -18.47
O DMS I . -13.62 21.55 -17.71
C1 DMS I . -15.58 22.98 -19.04
C2 DMS I . -13.71 24.37 -17.21
S DMS J . 7.06 0.58 -30.99
O DMS J . 7.55 2.00 -30.74
C1 DMS J . 8.67 -0.39 -31.47
C2 DMS J . 6.72 0.00 -29.17
S DMS K . -6.74 25.58 -2.09
O DMS K . -7.16 24.75 -3.30
C1 DMS K . -6.93 24.42 -0.52
C2 DMS K . -4.79 25.71 -2.10
S DMS L . -21.00 -9.76 -8.75
O DMS L . -19.96 -10.87 -8.91
C1 DMS L . -21.72 -9.39 -10.54
C2 DMS L . -22.54 -10.48 -7.78
S DMS M . 1.51 13.20 -37.41
O DMS M . 0.54 14.29 -36.93
C1 DMS M . 3.26 14.06 -37.72
C2 DMS M . 2.00 12.05 -35.90
S DMS N . 2.00 25.82 -11.86
O DMS N . 1.56 26.39 -10.51
C1 DMS N . 3.71 26.67 -12.32
C2 DMS N . 2.62 23.99 -11.52
S DMS O . -21.38 31.99 -0.84
O DMS O . -20.44 30.78 -0.95
C1 DMS O . -21.06 33.12 -2.40
C2 DMS O . -23.17 31.34 -1.31
S DMS P . 5.04 28.95 -23.77
O DMS P . 3.61 28.39 -23.64
C1 DMS P . 6.15 27.52 -23.06
C2 DMS P . 5.52 28.91 -25.67
S DMS Q . -4.84 25.63 -26.59
O DMS Q . -5.88 24.56 -26.24
C1 DMS Q . -4.95 25.96 -28.52
C2 DMS Q . -5.54 27.34 -25.95
S DMS R . 7.96 -17.21 -22.51
O DMS R . 8.83 -16.06 -21.99
C1 DMS R . 6.12 -16.57 -22.72
C2 DMS R . 8.49 -17.49 -24.37
S DMS S . -10.98 27.65 -10.05
O DMS S . -12.01 27.18 -9.02
C1 DMS S . -11.82 29.02 -11.16
C2 DMS S . -9.68 28.79 -9.14
S DMS T . 5.11 12.54 -42.19
O DMS T . 6.50 12.02 -41.71
C1 DMS T . 4.80 14.24 -41.24
C2 DMS T . 5.36 13.29 -43.99
S DMS U . 26.28 43.45 -13.26
O DMS U . 24.82 43.27 -12.70
C1 DMS U . 27.49 43.32 -11.52
C2 DMS U . 26.37 42.00 -14.40
S DMS V . -6.22 6.92 -36.88
O DMS V . -6.77 8.24 -36.31
C1 DMS V . -4.74 6.34 -35.71
C2 DMS V . -7.52 5.49 -36.52
S DMS W . -21.29 -8.91 2.51
O DMS W . -20.53 -9.96 3.35
C1 DMS W . -20.90 -9.25 0.62
C2 DMS W . -23.17 -9.45 2.54
C1 GOL X . -9.91 -14.59 30.48
O1 GOL X . -10.76 -14.19 29.38
C2 GOL X . -9.65 -16.13 30.55
O2 GOL X . -8.88 -16.48 31.75
C3 GOL X . -8.96 -16.63 29.25
O3 GOL X . -9.36 -17.98 28.89
C1 GOL Y . 17.32 -0.64 30.30
O1 GOL Y . 16.45 0.49 30.49
C2 GOL Y . 16.70 -1.86 30.99
O2 GOL Y . 16.25 -1.50 32.30
C3 GOL Y . 17.71 -2.99 31.13
O3 GOL Y . 17.00 -4.13 31.64
S DMS Z . 16.92 -7.85 26.84
O DMS Z . 16.34 -7.98 25.40
C1 DMS Z . 18.87 -7.88 26.73
C2 DMS Z . 16.83 -6.02 27.40
S DMS AA . 1.68 -12.41 36.01
O DMS AA . 0.18 -12.30 36.27
C1 DMS AA . 2.60 -12.26 37.72
C2 DMS AA . 2.04 -14.32 35.78
S DMS BA . -21.64 -4.38 7.11
O DMS BA . -20.52 -3.36 7.30
C1 DMS BA . -21.55 -5.54 8.69
C2 DMS BA . -23.38 -3.52 7.45
S DMS CA . -2.17 -23.80 32.36
O DMS CA . -2.24 -23.68 30.84
C1 DMS CA . -3.90 -24.48 32.98
C2 DMS CA . -1.12 -25.40 32.81
S DMS DA . -8.58 -29.69 23.41
O DMS DA . -9.11 -29.72 21.97
C1 DMS DA . -7.38 -28.16 23.62
C2 DMS DA . -10.07 -29.13 24.57
S DMS EA . -11.11 -23.58 18.82
O DMS EA . -10.84 -22.61 17.67
C1 DMS EA . -13.05 -23.96 18.83
C2 DMS EA . -10.63 -25.37 18.17
S DMS FA . 1.09 -30.31 -10.92
O DMS FA . 0.15 -29.09 -10.81
C1 DMS FA . 1.24 -31.17 -9.17
C2 DMS FA . 0.14 -31.76 -11.83
S DMS GA . 0.01 -3.24 37.35
O DMS GA . -0.91 -4.38 37.86
C1 DMS GA . -0.60 -2.68 35.56
C2 DMS GA . -0.39 -1.62 38.40
S DMS HA . 8.68 -11.00 34.40
O DMS HA . 7.30 -10.44 34.77
C1 DMS HA . 8.37 -12.46 33.13
C2 DMS HA . 9.55 -9.67 33.26
NA NA IA . -7.03 -9.40 1.20
CL CL JA . -6.86 -15.06 27.07
#